data_6WN1
#
_entry.id   6WN1
#
_cell.length_a   360.698
_cell.length_b   43.699
_cell.length_c   115.332
_cell.angle_alpha   90.000
_cell.angle_beta   101.690
_cell.angle_gamma   90.000
#
_symmetry.space_group_name_H-M   'C 1 2 1'
#
loop_
_entity.id
_entity.type
_entity.pdbx_description
1 polymer 'Reticulocyte binding protein 2b'
2 polymer '241242 Fab heavy chain'
3 polymer '241242 Fab light chain'
#
loop_
_entity_poly.entity_id
_entity_poly.type
_entity_poly.pdbx_seq_one_letter_code
_entity_poly.pdbx_strand_id
1 'polypeptide(L)'
;GAMGSTNTTDNIDYFDISDESNYYLISQLRPHFSNIYFFDEFKRYASYHTEIKRYEDIHKTKVNSLLNEASRAIGICNRA
KNTVKGLINILENPQKFKTQRESYDVKLRQYEEKKEAFRGCLLNKNRKNLDQIKKINNEIRDLLEKLKCSQDCQTNVYFD
MIKIYLVDFKKMPYENYDTFIKQYKNSYLSGVDMIRKIEKQIDNPVTINAIKFTQKEMGYIIDRFEYHLQKVKHSIDQVT
ALSDGVKPKQVTKNRLKEYYFNIGNYYSIFKFGKDSLNMLNKALIHKEKIVHNLLGELFGHLEERIS
;
A,D
2 'polypeptide(L)'
;TGVHSEVQLLESGGGLVQPGGSLRLSCAVSGFTFRNYALSWVRQAPGKGLDWVSTISASGGATYYADSVKGHFTISRDNS
KNILYLDMKSLRAEDTAIYYCARDGGSYTPYFFLDSWGQGALVTVSSASTKGPSVFPLAPSSKSTSGGTAALGCLVKDYF
PEPVTVSWNSGALTSGVHTFPAVLQSSGLYSLSSVVTVPSSSLGTQTYICNVNHKPSNTKVDKKVEPKSCDKTHTCP
;
B,E
3 'polypeptide(L)'
;TGSVTSYELTQPASVSVAPGQTAQITCGGNSIGRKSIHWYQHKPGQAPVLVISYDSDRPSGIPERFSGSNSGNTATLTIS
KVEAGDEADFYCQVRDSDNDHVVFGGGTKLTVLGQPKAAPSVTLFPPSSEELQANKATLVCLISDFYPGAVTVAWKADSS
PVKAGVETTTPSKQSNNKYAASSYLSLTPEQWKSHRSYSCQVTHEGSTVEKTVAPTECS
;
C,F
#
# COMPACT_ATOMS: atom_id res chain seq x y z
N ASN A 7 -2.33 -6.29 -24.68
CA ASN A 7 -2.63 -5.58 -25.92
C ASN A 7 -1.59 -4.48 -26.18
N THR A 8 -1.98 -3.51 -27.00
CA THR A 8 -1.08 -2.41 -27.35
C THR A 8 -1.91 -1.15 -27.55
N THR A 9 -1.37 -0.01 -27.13
CA THR A 9 -2.03 1.28 -27.30
C THR A 9 -1.90 1.69 -28.76
N ASP A 10 -2.94 1.43 -29.55
CA ASP A 10 -2.90 1.72 -30.98
C ASP A 10 -3.29 3.15 -31.31
N ASN A 11 -3.81 3.90 -30.34
CA ASN A 11 -4.26 5.27 -30.60
C ASN A 11 -4.03 6.11 -29.35
N ILE A 12 -3.60 7.35 -29.56
CA ILE A 12 -3.31 8.26 -28.45
C ILE A 12 -3.98 9.60 -28.70
N ASP A 13 -5.25 9.58 -29.11
CA ASP A 13 -5.98 10.80 -29.37
C ASP A 13 -6.57 11.43 -28.11
N TYR A 14 -6.21 10.93 -26.93
CA TYR A 14 -6.73 11.49 -25.69
C TYR A 14 -5.94 12.68 -25.19
N PHE A 15 -4.72 12.89 -25.67
CA PHE A 15 -3.94 14.04 -25.28
C PHE A 15 -4.58 15.32 -25.82
N ASP A 16 -4.36 16.42 -25.11
CA ASP A 16 -4.87 17.72 -25.51
C ASP A 16 -4.03 18.80 -24.83
N ILE A 17 -4.32 20.05 -25.14
CA ILE A 17 -3.57 21.18 -24.60
C ILE A 17 -4.47 22.40 -24.59
N SER A 18 -4.27 23.26 -23.58
CA SER A 18 -4.94 24.54 -23.48
C SER A 18 -3.92 25.66 -23.50
N ASP A 19 -4.37 26.85 -23.88
CA ASP A 19 -3.50 28.01 -23.89
C ASP A 19 -3.26 28.48 -22.45
N GLU A 20 -2.39 29.49 -22.31
CA GLU A 20 -2.06 30.01 -20.99
C GLU A 20 -3.27 30.61 -20.30
N SER A 21 -4.19 31.20 -21.06
CA SER A 21 -5.41 31.77 -20.49
C SER A 21 -6.44 30.71 -20.12
N ASN A 22 -6.26 29.47 -20.58
CA ASN A 22 -7.18 28.37 -20.34
C ASN A 22 -8.56 28.61 -20.95
N TYR A 23 -8.64 29.49 -21.95
CA TYR A 23 -9.91 29.76 -22.63
C TYR A 23 -10.14 28.81 -23.79
N TYR A 24 -9.08 28.46 -24.53
CA TYR A 24 -9.18 27.64 -25.73
C TYR A 24 -8.58 26.26 -25.45
N LEU A 25 -9.37 25.23 -25.68
CA LEU A 25 -8.95 23.84 -25.49
C LEU A 25 -8.73 23.22 -26.87
N ILE A 26 -7.51 22.77 -27.13
CA ILE A 26 -7.20 22.07 -28.37
C ILE A 26 -7.60 20.61 -28.22
N SER A 27 -8.08 20.02 -29.31
CA SER A 27 -8.43 18.61 -29.34
C SER A 27 -7.92 18.00 -30.63
N GLN A 28 -7.53 16.72 -30.56
CA GLN A 28 -7.06 16.04 -31.75
C GLN A 28 -8.21 15.66 -32.68
N LEU A 29 -9.42 15.50 -32.15
CA LEU A 29 -10.58 15.20 -32.98
C LEU A 29 -11.12 16.47 -33.62
N ARG A 30 -11.77 16.32 -34.77
CA ARG A 30 -12.42 17.45 -35.41
C ARG A 30 -13.62 17.89 -34.58
N PRO A 31 -13.90 19.21 -34.52
CA PRO A 31 -13.20 20.29 -35.21
C PRO A 31 -12.07 20.93 -34.40
N HIS A 32 -11.53 20.19 -33.42
CA HIS A 32 -10.38 20.63 -32.63
C HIS A 32 -10.69 21.84 -31.75
N PHE A 33 -11.87 22.42 -31.90
CA PHE A 33 -12.27 23.62 -31.16
C PHE A 33 -13.74 23.55 -30.84
N SER A 34 -14.10 23.85 -29.59
CA SER A 34 -15.51 24.01 -29.25
C SER A 34 -16.09 25.29 -29.82
N ASN A 35 -15.23 26.23 -30.22
CA ASN A 35 -15.73 27.47 -30.83
C ASN A 35 -16.25 27.26 -32.24
N ILE A 36 -15.71 26.27 -32.95
CA ILE A 36 -16.19 25.99 -34.30
C ILE A 36 -17.61 25.45 -34.26
N TYR A 37 -17.94 24.66 -33.23
CA TYR A 37 -19.30 24.23 -33.03
C TYR A 37 -20.22 25.42 -32.72
N PHE A 38 -19.67 26.45 -32.07
CA PHE A 38 -20.45 27.66 -31.84
C PHE A 38 -20.70 28.41 -33.15
N PHE A 39 -19.72 28.39 -34.05
CA PHE A 39 -19.92 29.00 -35.37
C PHE A 39 -20.94 28.23 -36.18
N ASP A 40 -20.95 26.89 -36.06
CA ASP A 40 -21.95 26.09 -36.75
C ASP A 40 -23.35 26.39 -36.22
N GLU A 41 -23.46 26.83 -34.97
CA GLU A 41 -24.74 27.11 -34.38
C GLU A 41 -25.22 28.54 -34.61
N PHE A 42 -24.30 29.48 -34.89
CA PHE A 42 -24.73 30.84 -35.18
C PHE A 42 -25.30 30.96 -36.58
N LYS A 43 -24.82 30.14 -37.53
CA LYS A 43 -25.46 30.09 -38.84
C LYS A 43 -26.93 29.69 -38.72
N ARG A 44 -27.26 28.90 -37.70
CA ARG A 44 -28.65 28.58 -37.42
C ARG A 44 -29.38 29.79 -36.84
N TYR A 45 -28.70 30.57 -36.00
CA TYR A 45 -29.33 31.76 -35.42
C TYR A 45 -29.58 32.82 -36.50
N ALA A 46 -28.63 32.99 -37.42
CA ALA A 46 -28.77 34.01 -38.44
C ALA A 46 -29.85 33.68 -39.47
N SER A 47 -30.20 32.40 -39.63
CA SER A 47 -31.25 32.04 -40.57
C SER A 47 -32.62 32.51 -40.09
N TYR A 48 -32.86 32.49 -38.78
CA TYR A 48 -34.13 32.94 -38.24
C TYR A 48 -34.26 34.46 -38.26
N HIS A 49 -33.15 35.18 -38.41
CA HIS A 49 -33.16 36.64 -38.44
C HIS A 49 -33.02 37.10 -39.89
N THR A 50 -34.06 37.74 -40.42
CA THR A 50 -34.06 38.22 -41.79
C THR A 50 -33.20 39.46 -41.99
N GLU A 51 -32.52 39.93 -40.94
CA GLU A 51 -31.69 41.12 -41.03
C GLU A 51 -30.20 40.81 -41.13
N ILE A 52 -29.82 39.54 -41.00
CA ILE A 52 -28.42 39.12 -41.05
C ILE A 52 -28.28 38.14 -42.20
N LYS A 53 -27.69 38.59 -43.31
CA LYS A 53 -27.48 37.75 -44.48
C LYS A 53 -26.02 37.62 -44.89
N ARG A 54 -25.12 38.43 -44.34
CA ARG A 54 -23.72 38.35 -44.70
C ARG A 54 -23.00 37.18 -44.04
N TYR A 55 -23.57 36.61 -42.98
CA TYR A 55 -22.89 35.55 -42.25
C TYR A 55 -22.80 34.25 -43.04
N GLU A 56 -23.72 34.03 -43.99
CA GLU A 56 -23.66 32.81 -44.79
C GLU A 56 -22.34 32.71 -45.57
N ASP A 57 -21.82 33.85 -46.02
CA ASP A 57 -20.52 33.84 -46.71
C ASP A 57 -19.36 33.74 -45.72
N ILE A 58 -19.56 34.21 -44.48
CA ILE A 58 -18.50 34.09 -43.47
C ILE A 58 -18.32 32.65 -43.05
N HIS A 59 -19.43 31.93 -42.83
CA HIS A 59 -19.35 30.51 -42.48
C HIS A 59 -18.84 29.67 -43.63
N LYS A 60 -18.94 30.15 -44.87
CA LYS A 60 -18.48 29.38 -46.02
C LYS A 60 -17.00 29.58 -46.30
N THR A 61 -16.40 30.67 -45.83
CA THR A 61 -15.00 30.97 -46.10
C THR A 61 -14.17 31.09 -44.83
N LYS A 62 -14.51 32.03 -43.93
CA LYS A 62 -13.69 32.26 -42.75
C LYS A 62 -13.74 31.08 -41.79
N VAL A 63 -14.88 30.39 -41.69
CA VAL A 63 -14.99 29.26 -40.79
C VAL A 63 -14.31 28.02 -41.38
N ASN A 64 -14.50 27.79 -42.67
CA ASN A 64 -13.87 26.63 -43.30
C ASN A 64 -12.35 26.79 -43.36
N SER A 65 -11.86 28.01 -43.53
CA SER A 65 -10.42 28.24 -43.46
C SER A 65 -9.89 27.95 -42.07
N LEU A 66 -10.60 28.39 -41.03
CA LEU A 66 -10.22 28.10 -39.66
C LEU A 66 -10.32 26.61 -39.36
N LEU A 67 -11.27 25.92 -40.00
CA LEU A 67 -11.42 24.49 -39.79
C LEU A 67 -10.26 23.72 -40.42
N ASN A 68 -9.91 24.08 -41.67
CA ASN A 68 -8.84 23.37 -42.37
C ASN A 68 -7.48 23.72 -41.78
N GLU A 69 -7.26 24.98 -41.42
CA GLU A 69 -6.01 25.36 -40.77
C GLU A 69 -5.84 24.66 -39.43
N ALA A 70 -6.95 24.37 -38.75
CA ALA A 70 -6.86 23.60 -37.51
C ALA A 70 -6.41 22.18 -37.78
N SER A 71 -7.04 21.51 -38.75
CA SER A 71 -6.62 20.15 -39.11
C SER A 71 -5.20 20.14 -39.65
N ARG A 72 -4.79 21.21 -40.32
CA ARG A 72 -3.42 21.28 -40.82
C ARG A 72 -2.43 21.46 -39.69
N ALA A 73 -2.72 22.36 -38.75
CA ALA A 73 -1.83 22.60 -37.63
C ALA A 73 -1.67 21.36 -36.76
N ILE A 74 -2.75 20.59 -36.59
CA ILE A 74 -2.65 19.33 -35.86
C ILE A 74 -1.84 18.33 -36.66
N GLY A 75 -1.97 18.35 -37.99
CA GLY A 75 -1.25 17.39 -38.83
C GLY A 75 0.24 17.60 -38.83
N ILE A 76 0.70 18.83 -38.59
CA ILE A 76 2.14 19.09 -38.55
C ILE A 76 2.77 18.38 -37.37
N CYS A 77 2.05 18.23 -36.26
CA CYS A 77 2.55 17.55 -35.08
C CYS A 77 2.47 16.03 -35.18
N ASN A 78 2.13 15.50 -36.36
CA ASN A 78 2.06 14.04 -36.51
C ASN A 78 3.44 13.41 -36.33
N ARG A 79 4.49 14.08 -36.81
CA ARG A 79 5.85 13.56 -36.62
C ARG A 79 6.21 13.50 -35.14
N ALA A 80 5.78 14.50 -34.37
CA ALA A 80 6.02 14.49 -32.93
C ALA A 80 5.08 13.53 -32.20
N LYS A 81 3.88 13.31 -32.75
CA LYS A 81 2.93 12.41 -32.11
C LYS A 81 3.42 10.97 -32.12
N ASN A 82 4.05 10.54 -33.23
CA ASN A 82 4.50 9.15 -33.32
C ASN A 82 5.66 8.87 -32.38
N THR A 83 6.53 9.85 -32.13
CA THR A 83 7.63 9.64 -31.19
C THR A 83 7.11 9.47 -29.78
N VAL A 84 6.04 10.19 -29.42
CA VAL A 84 5.44 10.03 -28.10
C VAL A 84 4.72 8.70 -28.01
N LYS A 85 4.01 8.31 -29.07
CA LYS A 85 3.32 7.02 -29.07
C LYS A 85 4.32 5.87 -29.00
N GLY A 86 5.46 6.01 -29.67
CA GLY A 86 6.46 4.95 -29.63
C GLY A 86 6.96 4.66 -28.23
N LEU A 87 7.15 5.72 -27.42
CA LEU A 87 7.58 5.51 -26.05
C LEU A 87 6.48 4.89 -25.20
N ILE A 88 5.22 5.18 -25.52
CA ILE A 88 4.11 4.57 -24.78
C ILE A 88 4.09 3.06 -25.01
N ASN A 89 4.36 2.63 -26.25
CA ASN A 89 4.35 1.20 -26.54
C ASN A 89 5.55 0.48 -25.96
N ILE A 90 6.64 1.19 -25.68
CA ILE A 90 7.82 0.55 -25.12
C ILE A 90 7.68 0.39 -23.61
N LEU A 91 7.12 1.38 -22.93
CA LEU A 91 7.02 1.34 -21.47
C LEU A 91 5.95 0.37 -21.00
N GLU A 92 4.90 0.16 -21.81
CA GLU A 92 3.79 -0.71 -21.42
C GLU A 92 3.97 -2.15 -21.89
N ASN A 93 4.91 -2.41 -22.80
CA ASN A 93 5.15 -3.76 -23.29
C ASN A 93 6.51 -4.25 -22.81
N PRO A 94 6.57 -5.19 -21.86
CA PRO A 94 7.87 -5.65 -21.36
C PRO A 94 8.73 -6.32 -22.41
N GLN A 95 8.12 -6.86 -23.47
CA GLN A 95 8.92 -7.47 -24.54
C GLN A 95 9.66 -6.41 -25.33
N LYS A 96 8.99 -5.29 -25.64
CA LYS A 96 9.66 -4.20 -26.36
C LYS A 96 10.66 -3.48 -25.48
N PHE A 97 10.43 -3.44 -24.17
CA PHE A 97 11.36 -2.77 -23.27
C PHE A 97 12.61 -3.61 -23.06
N LYS A 98 12.47 -4.94 -23.00
CA LYS A 98 13.62 -5.81 -22.79
C LYS A 98 14.60 -5.76 -23.95
N THR A 99 14.16 -5.32 -25.13
CA THR A 99 15.08 -5.25 -26.27
C THR A 99 15.97 -4.02 -26.19
N GLN A 100 15.45 -2.90 -25.69
CA GLN A 100 16.22 -1.67 -25.64
C GLN A 100 17.19 -1.71 -24.46
N ARG A 101 18.19 -0.84 -24.52
CA ARG A 101 19.29 -0.86 -23.55
C ARG A 101 19.19 0.19 -22.45
N GLU A 102 18.43 1.26 -22.67
CA GLU A 102 18.34 2.31 -21.65
C GLU A 102 17.51 1.83 -20.47
N SER A 103 17.59 2.60 -19.37
CA SER A 103 16.91 2.25 -18.15
C SER A 103 15.43 2.63 -18.22
N TYR A 104 14.67 2.19 -17.21
CA TYR A 104 13.25 2.53 -17.16
C TYR A 104 13.03 3.94 -16.65
N ASP A 105 13.80 4.37 -15.65
CA ASP A 105 13.70 5.75 -15.19
C ASP A 105 14.04 6.73 -16.30
N VAL A 106 15.06 6.42 -17.11
CA VAL A 106 15.40 7.27 -18.23
C VAL A 106 14.30 7.24 -19.28
N LYS A 107 13.76 6.06 -19.56
CA LYS A 107 12.72 5.95 -20.58
C LYS A 107 11.42 6.60 -20.13
N LEU A 108 11.12 6.56 -18.83
CA LEU A 108 9.91 7.22 -18.32
C LEU A 108 10.06 8.73 -18.34
N ARG A 109 11.27 9.25 -18.08
CA ARG A 109 11.48 10.69 -18.14
C ARG A 109 11.42 11.19 -19.58
N GLN A 110 11.91 10.40 -20.53
CA GLN A 110 11.78 10.76 -21.94
C GLN A 110 10.31 10.85 -22.35
N TYR A 111 9.49 9.92 -21.85
CA TYR A 111 8.06 9.98 -22.14
C TYR A 111 7.45 11.28 -21.63
N GLU A 112 7.79 11.68 -20.41
CA GLU A 112 7.26 12.93 -19.85
C GLU A 112 7.76 14.14 -20.62
N GLU A 113 8.98 14.10 -21.14
CA GLU A 113 9.49 15.22 -21.91
C GLU A 113 8.89 15.27 -23.31
N LYS A 114 8.76 14.11 -23.96
CA LYS A 114 8.21 14.09 -25.31
C LYS A 114 6.72 14.32 -25.32
N LYS A 115 6.01 13.81 -24.30
CA LYS A 115 4.56 14.02 -24.21
C LYS A 115 4.23 15.51 -24.17
N GLU A 116 4.98 16.29 -23.39
CA GLU A 116 4.76 17.73 -23.37
C GLU A 116 5.21 18.39 -24.67
N ALA A 117 6.16 17.78 -25.38
CA ALA A 117 6.55 18.30 -26.68
C ALA A 117 5.44 18.17 -27.69
N PHE A 118 4.66 17.09 -27.62
CA PHE A 118 3.52 16.93 -28.50
C PHE A 118 2.38 17.87 -28.09
N ARG A 119 2.13 17.98 -26.80
CA ARG A 119 1.11 18.92 -26.32
C ARG A 119 1.50 20.35 -26.63
N GLY A 120 2.79 20.68 -26.48
CA GLY A 120 3.24 22.01 -26.82
C GLY A 120 3.19 22.30 -28.30
N CYS A 121 3.34 21.27 -29.13
CA CYS A 121 3.24 21.47 -30.58
C CYS A 121 1.83 21.83 -31.00
N LEU A 122 0.83 21.15 -30.43
CA LEU A 122 -0.56 21.40 -30.82
C LEU A 122 -0.96 22.84 -30.51
N LEU A 123 -0.50 23.38 -29.38
CA LEU A 123 -0.84 24.74 -29.02
C LEU A 123 -0.08 25.75 -29.87
N ASN A 124 1.23 25.56 -30.01
CA ASN A 124 2.06 26.54 -30.73
C ASN A 124 1.70 26.59 -32.21
N LYS A 125 1.42 25.44 -32.82
CA LYS A 125 1.04 25.42 -34.23
C LYS A 125 -0.36 25.97 -34.46
N ASN A 126 -1.19 26.05 -33.41
CA ASN A 126 -2.54 26.57 -33.52
C ASN A 126 -2.67 27.98 -32.94
N ARG A 127 -1.57 28.62 -32.57
CA ARG A 127 -1.65 29.96 -32.00
C ARG A 127 -2.17 30.97 -33.02
N LYS A 128 -1.84 30.80 -34.29
CA LYS A 128 -2.38 31.66 -35.32
C LYS A 128 -3.89 31.48 -35.45
N ASN A 129 -4.39 30.26 -35.23
CA ASN A 129 -5.81 30.00 -35.29
C ASN A 129 -6.54 30.56 -34.07
N LEU A 130 -5.85 30.66 -32.93
CA LEU A 130 -6.47 31.23 -31.74
C LEU A 130 -6.83 32.69 -31.96
N ASP A 131 -5.97 33.42 -32.68
CA ASP A 131 -6.30 34.80 -33.04
C ASP A 131 -7.35 34.87 -34.12
N GLN A 132 -7.51 33.80 -34.91
CA GLN A 132 -8.55 33.78 -35.93
C GLN A 132 -9.93 33.60 -35.31
N ILE A 133 -10.02 32.82 -34.24
CA ILE A 133 -11.30 32.62 -33.56
C ILE A 133 -11.80 33.93 -32.97
N LYS A 134 -10.89 34.73 -32.41
CA LYS A 134 -11.29 36.01 -31.81
C LYS A 134 -11.83 36.95 -32.87
N LYS A 135 -11.23 36.93 -34.08
CA LYS A 135 -11.67 37.83 -35.13
C LYS A 135 -13.05 37.47 -35.65
N ILE A 136 -13.40 36.17 -35.63
CA ILE A 136 -14.74 35.77 -36.08
C ILE A 136 -15.79 36.13 -35.04
N ASN A 137 -15.42 36.11 -33.75
CA ASN A 137 -16.35 36.51 -32.70
C ASN A 137 -16.68 37.99 -32.79
N ASN A 138 -15.69 38.81 -33.14
CA ASN A 138 -15.94 40.25 -33.28
C ASN A 138 -16.83 40.54 -34.49
N GLU A 139 -16.72 39.72 -35.54
CA GLU A 139 -17.64 39.88 -36.67
C GLU A 139 -19.06 39.55 -36.27
N ILE A 140 -19.25 38.49 -35.48
CA ILE A 140 -20.59 38.12 -35.02
C ILE A 140 -21.15 39.21 -34.13
N ARG A 141 -20.35 39.72 -33.20
CA ARG A 141 -20.81 40.81 -32.33
C ARG A 141 -21.11 42.07 -33.13
N ASP A 142 -20.40 42.28 -34.24
CA ASP A 142 -20.71 43.40 -35.12
C ASP A 142 -21.95 43.12 -35.98
N LEU A 143 -22.19 41.85 -36.31
CA LEU A 143 -23.38 41.50 -37.08
C LEU A 143 -24.64 41.69 -36.26
N LEU A 144 -24.57 41.40 -34.96
CA LEU A 144 -25.72 41.63 -34.09
C LEU A 144 -26.03 43.12 -33.95
N GLU A 145 -25.00 43.97 -34.05
CA GLU A 145 -25.21 45.41 -33.90
C GLU A 145 -26.03 45.97 -35.06
N LYS A 146 -25.96 45.34 -36.23
CA LYS A 146 -26.70 45.82 -37.40
C LYS A 146 -28.19 45.54 -37.32
N LEU A 147 -28.67 44.89 -36.26
CA LEU A 147 -30.09 44.63 -36.12
C LEU A 147 -30.85 45.94 -35.95
N LYS A 148 -32.09 45.96 -36.47
CA LYS A 148 -32.91 47.16 -36.37
C LYS A 148 -33.41 47.40 -34.95
N CYS A 149 -33.61 46.33 -34.18
CA CYS A 149 -34.11 46.49 -32.82
C CYS A 149 -33.04 47.12 -31.93
N SER A 150 -33.48 47.99 -31.02
CA SER A 150 -32.59 48.63 -30.06
C SER A 150 -33.02 48.36 -28.63
N GLN A 151 -34.27 48.68 -28.27
CA GLN A 151 -34.82 48.37 -26.96
C GLN A 151 -35.97 47.36 -27.05
N ASP A 152 -36.19 46.77 -28.23
CA ASP A 152 -37.37 45.95 -28.48
C ASP A 152 -36.99 44.60 -29.12
N CYS A 153 -35.78 44.12 -28.85
CA CYS A 153 -35.32 42.89 -29.48
C CYS A 153 -36.09 41.69 -28.92
N GLN A 154 -36.70 40.92 -29.80
CA GLN A 154 -37.52 39.80 -29.40
C GLN A 154 -36.65 38.60 -29.01
N THR A 155 -37.05 37.92 -27.93
CA THR A 155 -36.35 36.73 -27.46
C THR A 155 -37.04 35.43 -27.88
N ASN A 156 -37.85 35.49 -28.94
CA ASN A 156 -38.53 34.29 -29.41
C ASN A 156 -37.54 33.29 -30.01
N VAL A 157 -36.59 33.76 -30.81
CA VAL A 157 -35.58 32.88 -31.38
C VAL A 157 -34.68 32.35 -30.28
N TYR A 158 -34.39 33.17 -29.26
CA TYR A 158 -33.54 32.73 -28.17
C TYR A 158 -34.22 31.65 -27.34
N PHE A 159 -35.53 31.78 -27.12
CA PHE A 159 -36.24 30.80 -26.29
C PHE A 159 -36.66 29.56 -27.08
N ASP A 160 -36.91 29.71 -28.39
CA ASP A 160 -37.19 28.54 -29.21
C ASP A 160 -35.97 27.63 -29.32
N MET A 161 -34.76 28.21 -29.30
CA MET A 161 -33.56 27.39 -29.36
C MET A 161 -33.36 26.60 -28.07
N ILE A 162 -33.82 27.13 -26.93
CA ILE A 162 -33.69 26.40 -25.68
C ILE A 162 -34.52 25.13 -25.71
N LYS A 163 -35.69 25.18 -26.35
CA LYS A 163 -36.51 23.99 -26.49
C LYS A 163 -35.84 22.97 -27.41
N ILE A 164 -35.20 23.45 -28.48
CA ILE A 164 -34.49 22.55 -29.40
C ILE A 164 -33.30 21.90 -28.70
N TYR A 165 -32.60 22.66 -27.85
CA TYR A 165 -31.42 22.14 -27.17
C TYR A 165 -31.79 21.07 -26.15
N LEU A 166 -32.86 21.30 -25.39
CA LEU A 166 -33.23 20.36 -24.33
C LEU A 166 -33.62 19.00 -24.90
N VAL A 167 -34.23 18.97 -26.08
CA VAL A 167 -34.51 17.69 -26.73
C VAL A 167 -33.22 17.03 -27.18
N ASP A 168 -32.28 17.83 -27.70
CA ASP A 168 -30.98 17.30 -28.09
C ASP A 168 -30.15 16.88 -26.89
N PHE A 169 -30.41 17.46 -25.71
CA PHE A 169 -29.69 17.04 -24.52
C PHE A 169 -30.15 15.67 -24.04
N LYS A 170 -31.39 15.29 -24.35
CA LYS A 170 -31.90 13.99 -23.92
C LYS A 170 -31.22 12.83 -24.63
N LYS A 171 -30.76 13.05 -25.85
CA LYS A 171 -30.00 12.03 -26.59
C LYS A 171 -28.55 11.94 -26.14
N MET A 172 -28.31 12.04 -24.84
CA MET A 172 -26.96 11.99 -24.28
C MET A 172 -26.96 11.02 -23.10
N PRO A 173 -26.13 9.99 -23.11
CA PRO A 173 -26.10 9.03 -21.99
C PRO A 173 -25.31 9.56 -20.79
N TYR A 174 -25.76 10.68 -20.24
CA TYR A 174 -25.09 11.25 -19.08
C TYR A 174 -25.24 10.34 -17.87
N GLU A 175 -26.41 9.72 -17.71
CA GLU A 175 -26.62 8.81 -16.58
C GLU A 175 -25.72 7.59 -16.66
N ASN A 176 -25.37 7.15 -17.88
CA ASN A 176 -24.51 5.99 -18.03
C ASN A 176 -23.04 6.34 -17.85
N TYR A 177 -22.65 7.57 -18.19
CA TYR A 177 -21.26 7.97 -18.05
C TYR A 177 -20.89 8.17 -16.58
N ASP A 178 -21.78 8.78 -15.80
CA ASP A 178 -21.49 9.02 -14.39
C ASP A 178 -21.33 7.71 -13.63
N THR A 179 -22.22 6.75 -13.87
CA THR A 179 -22.10 5.45 -13.23
C THR A 179 -20.84 4.72 -13.70
N PHE A 180 -20.46 4.89 -14.97
CA PHE A 180 -19.28 4.21 -15.49
C PHE A 180 -18.00 4.77 -14.89
N ILE A 181 -17.88 6.10 -14.82
CA ILE A 181 -16.64 6.69 -14.34
C ILE A 181 -16.48 6.48 -12.84
N LYS A 182 -17.59 6.40 -12.10
CA LYS A 182 -17.49 6.18 -10.66
C LYS A 182 -17.09 4.74 -10.33
N GLN A 183 -17.51 3.79 -11.16
CA GLN A 183 -17.07 2.41 -10.95
C GLN A 183 -15.69 2.16 -11.56
N TYR A 184 -15.33 2.91 -12.60
CA TYR A 184 -14.01 2.77 -13.19
C TYR A 184 -12.92 3.25 -12.25
N LYS A 185 -13.20 4.33 -11.51
CA LYS A 185 -12.22 4.83 -10.54
C LYS A 185 -12.05 3.87 -9.38
N ASN A 186 -13.15 3.30 -8.88
CA ASN A 186 -13.05 2.33 -7.79
C ASN A 186 -12.14 1.17 -8.18
N SER A 187 -12.25 0.69 -9.41
CA SER A 187 -11.32 -0.33 -9.87
C SER A 187 -9.92 0.24 -10.08
N TYR A 188 -9.83 1.53 -10.38
CA TYR A 188 -8.54 2.16 -10.65
C TYR A 188 -7.70 2.24 -9.37
N LEU A 189 -8.23 2.92 -8.35
CA LEU A 189 -7.51 3.03 -7.08
C LEU A 189 -7.29 1.66 -6.44
N SER A 190 -8.21 0.72 -6.63
CA SER A 190 -7.95 -0.64 -6.18
C SER A 190 -6.79 -1.26 -6.95
N GLY A 191 -6.74 -1.05 -8.26
CA GLY A 191 -5.60 -1.50 -9.04
C GLY A 191 -4.31 -0.80 -8.65
N VAL A 192 -4.40 0.47 -8.24
CA VAL A 192 -3.23 1.18 -7.76
C VAL A 192 -2.70 0.50 -6.49
N ASP A 193 -3.53 0.44 -5.45
CA ASP A 193 -3.09 -0.13 -4.18
C ASP A 193 -2.67 -1.59 -4.33
N MET A 194 -3.26 -2.30 -5.29
CA MET A 194 -2.93 -3.72 -5.46
C MET A 194 -1.50 -3.91 -5.95
N ILE A 195 -1.10 -3.16 -6.97
CA ILE A 195 0.20 -3.40 -7.60
C ILE A 195 1.34 -2.94 -6.69
N ARG A 196 1.09 -1.98 -5.80
CA ARG A 196 2.13 -1.55 -4.87
C ARG A 196 2.34 -2.56 -3.75
N LYS A 197 1.26 -3.16 -3.26
CA LYS A 197 1.39 -4.27 -2.32
C LYS A 197 2.13 -5.43 -2.96
N ILE A 198 1.82 -5.72 -4.23
CA ILE A 198 2.46 -6.82 -4.94
C ILE A 198 3.90 -6.45 -5.31
N GLU A 199 4.18 -5.17 -5.52
CA GLU A 199 5.50 -4.73 -5.94
C GLU A 199 6.59 -5.20 -4.97
N LYS A 200 6.29 -5.21 -3.67
CA LYS A 200 7.27 -5.57 -2.66
C LYS A 200 7.36 -7.07 -2.43
N GLN A 201 6.60 -7.88 -3.15
CA GLN A 201 6.58 -9.33 -2.93
C GLN A 201 6.95 -10.13 -4.17
N ILE A 202 7.21 -9.48 -5.31
CA ILE A 202 7.49 -10.15 -6.56
C ILE A 202 8.74 -9.56 -7.18
N ASP A 203 9.62 -10.42 -7.68
CA ASP A 203 10.84 -9.98 -8.37
C ASP A 203 10.60 -9.97 -9.88
N ASN A 204 9.72 -9.06 -10.30
CA ASN A 204 9.40 -8.86 -11.72
C ASN A 204 9.31 -7.36 -11.96
N PRO A 205 10.46 -6.69 -12.09
CA PRO A 205 10.42 -5.21 -12.14
C PRO A 205 9.78 -4.67 -13.41
N VAL A 206 10.02 -5.30 -14.56
CA VAL A 206 9.58 -4.73 -15.83
C VAL A 206 8.05 -4.79 -15.93
N THR A 207 7.46 -5.94 -15.60
CA THR A 207 6.01 -6.08 -15.70
C THR A 207 5.29 -5.17 -14.72
N ILE A 208 5.81 -5.05 -13.50
CA ILE A 208 5.19 -4.17 -12.52
C ILE A 208 5.27 -2.71 -12.99
N ASN A 209 6.44 -2.31 -13.48
CA ASN A 209 6.61 -0.95 -13.99
C ASN A 209 5.68 -0.67 -15.16
N ALA A 210 5.42 -1.68 -16.00
CA ALA A 210 4.51 -1.48 -17.12
C ALA A 210 3.09 -1.23 -16.63
N ILE A 211 2.68 -1.88 -15.53
CA ILE A 211 1.37 -1.62 -14.97
C ILE A 211 1.33 -0.25 -14.31
N LYS A 212 2.43 0.14 -13.65
CA LYS A 212 2.49 1.47 -13.04
C LYS A 212 2.37 2.57 -14.10
N PHE A 213 3.05 2.40 -15.24
CA PHE A 213 3.01 3.42 -16.27
C PHE A 213 1.63 3.53 -16.90
N THR A 214 0.95 2.39 -17.10
CA THR A 214 -0.40 2.44 -17.65
C THR A 214 -1.35 3.14 -16.70
N GLN A 215 -1.17 2.93 -15.38
CA GLN A 215 -1.99 3.65 -14.40
C GLN A 215 -1.75 5.15 -14.46
N LYS A 216 -0.50 5.56 -14.73
CA LYS A 216 -0.24 6.98 -14.94
C LYS A 216 -0.95 7.49 -16.19
N GLU A 217 -0.97 6.69 -17.24
CA GLU A 217 -1.74 7.05 -18.44
C GLU A 217 -3.23 7.08 -18.13
N MET A 218 -3.72 6.07 -17.40
CA MET A 218 -5.14 6.02 -17.06
C MET A 218 -5.53 7.22 -16.20
N GLY A 219 -4.65 7.62 -15.26
CA GLY A 219 -4.95 8.77 -14.43
C GLY A 219 -5.15 10.04 -15.24
N TYR A 220 -4.40 10.20 -16.33
CA TYR A 220 -4.57 11.38 -17.18
C TYR A 220 -5.89 11.32 -17.94
N ILE A 221 -6.29 10.14 -18.40
CA ILE A 221 -7.52 10.03 -19.18
C ILE A 221 -8.75 10.14 -18.29
N ILE A 222 -8.69 9.63 -17.06
CA ILE A 222 -9.84 9.74 -16.16
C ILE A 222 -10.12 11.20 -15.85
N ASP A 223 -9.07 12.01 -15.67
CA ASP A 223 -9.27 13.43 -15.40
C ASP A 223 -9.83 14.15 -16.63
N ARG A 224 -9.38 13.78 -17.82
CA ARG A 224 -9.94 14.37 -19.03
C ARG A 224 -11.38 13.90 -19.25
N PHE A 225 -11.69 12.67 -18.82
CA PHE A 225 -13.08 12.20 -18.89
C PHE A 225 -13.96 12.99 -17.93
N GLU A 226 -13.50 13.20 -16.70
CA GLU A 226 -14.29 13.94 -15.72
C GLU A 226 -14.46 15.40 -16.11
N TYR A 227 -13.47 15.98 -16.79
CA TYR A 227 -13.59 17.38 -17.23
C TYR A 227 -14.73 17.54 -18.23
N HIS A 228 -14.73 16.73 -19.29
CA HIS A 228 -15.79 16.84 -20.28
C HIS A 228 -17.13 16.40 -19.72
N LEU A 229 -17.14 15.35 -18.88
CA LEU A 229 -18.39 14.90 -18.27
C LEU A 229 -18.99 15.99 -17.40
N GLN A 230 -18.16 16.72 -16.66
CA GLN A 230 -18.67 17.83 -15.86
C GLN A 230 -19.04 19.01 -16.73
N LYS A 231 -18.37 19.17 -17.88
CA LYS A 231 -18.70 20.24 -18.80
C LYS A 231 -19.99 19.97 -19.56
N VAL A 232 -20.28 18.71 -19.87
CA VAL A 232 -21.57 18.36 -20.46
C VAL A 232 -22.70 18.63 -19.48
N LYS A 233 -22.50 18.27 -18.20
CA LYS A 233 -23.53 18.49 -17.20
C LYS A 233 -23.83 19.96 -17.00
N HIS A 234 -22.79 20.80 -16.92
CA HIS A 234 -22.99 22.22 -16.71
C HIS A 234 -23.81 22.85 -17.82
N SER A 235 -23.57 22.45 -19.07
CA SER A 235 -24.34 22.97 -20.18
C SER A 235 -25.80 22.50 -20.10
N ILE A 236 -26.01 21.25 -19.72
CA ILE A 236 -27.37 20.73 -19.62
C ILE A 236 -28.12 21.41 -18.46
N ASP A 237 -27.45 21.62 -17.33
CA ASP A 237 -28.12 22.21 -16.18
C ASP A 237 -28.34 23.71 -16.33
N GLN A 238 -27.38 24.41 -16.94
CA GLN A 238 -27.53 25.85 -17.08
C GLN A 238 -28.59 26.20 -18.11
N VAL A 239 -28.61 25.50 -19.24
CA VAL A 239 -29.65 25.73 -20.24
C VAL A 239 -31.02 25.39 -19.69
N THR A 240 -31.11 24.31 -18.91
CA THR A 240 -32.37 23.98 -18.23
C THR A 240 -32.77 25.11 -17.28
N ALA A 241 -31.80 25.73 -16.62
CA ALA A 241 -32.10 26.86 -15.74
C ALA A 241 -32.65 28.05 -16.50
N LEU A 242 -32.26 28.20 -17.78
CA LEU A 242 -32.77 29.30 -18.59
C LEU A 242 -34.24 29.09 -18.93
N SER A 243 -34.64 27.85 -19.23
CA SER A 243 -36.02 27.55 -19.52
C SER A 243 -36.91 27.60 -18.28
N ASP A 244 -36.33 27.62 -17.09
CA ASP A 244 -37.09 27.75 -15.85
C ASP A 244 -36.78 29.06 -15.12
N GLY A 245 -36.32 30.07 -15.85
CA GLY A 245 -36.06 31.36 -15.26
C GLY A 245 -37.04 32.42 -15.73
N VAL A 246 -36.55 33.64 -15.95
CA VAL A 246 -37.40 34.70 -16.47
C VAL A 246 -37.58 34.53 -17.97
N LYS A 247 -38.69 35.04 -18.49
CA LYS A 247 -39.02 34.97 -19.91
C LYS A 247 -39.31 36.37 -20.41
N PRO A 248 -38.28 37.19 -20.61
CA PRO A 248 -38.50 38.57 -21.08
C PRO A 248 -38.99 38.58 -22.52
N LYS A 249 -40.08 39.31 -22.76
CA LYS A 249 -40.63 39.40 -24.11
C LYS A 249 -39.70 40.19 -25.03
N GLN A 250 -39.10 41.27 -24.53
CA GLN A 250 -38.26 42.15 -25.33
C GLN A 250 -37.10 42.62 -24.47
N VAL A 251 -35.88 42.51 -25.01
CA VAL A 251 -34.67 42.91 -24.32
C VAL A 251 -33.92 43.91 -25.18
N THR A 252 -32.88 44.50 -24.59
CA THR A 252 -32.01 45.38 -25.36
C THR A 252 -31.14 44.58 -26.31
N LYS A 253 -30.55 45.29 -27.27
CA LYS A 253 -29.67 44.62 -28.22
C LYS A 253 -28.41 44.07 -27.53
N ASN A 254 -27.96 44.74 -26.48
CA ASN A 254 -26.80 44.24 -25.73
C ASN A 254 -27.16 42.97 -24.97
N ARG A 255 -28.35 42.92 -24.36
CA ARG A 255 -28.78 41.69 -23.68
C ARG A 255 -29.03 40.57 -24.67
N LEU A 256 -29.41 40.90 -25.91
CA LEU A 256 -29.66 39.87 -26.91
C LEU A 256 -28.36 39.23 -27.38
N LYS A 257 -27.30 40.03 -27.54
CA LYS A 257 -26.00 39.47 -27.89
C LYS A 257 -25.54 38.48 -26.83
N GLU A 258 -25.67 38.84 -25.55
CA GLU A 258 -25.28 37.93 -24.47
C GLU A 258 -26.12 36.67 -24.47
N TYR A 259 -27.40 36.77 -24.86
CA TYR A 259 -28.27 35.60 -24.87
C TYR A 259 -27.81 34.59 -25.90
N TYR A 260 -27.54 35.04 -27.13
CA TYR A 260 -27.10 34.12 -28.17
C TYR A 260 -25.71 33.56 -27.87
N PHE A 261 -24.81 34.40 -27.32
CA PHE A 261 -23.49 33.91 -26.94
C PHE A 261 -23.55 32.98 -25.74
N ASN A 262 -24.59 33.07 -24.91
CA ASN A 262 -24.71 32.17 -23.76
C ASN A 262 -25.10 30.76 -24.22
N ILE A 263 -26.25 30.63 -24.87
CA ILE A 263 -26.68 29.32 -25.34
C ILE A 263 -25.77 28.81 -26.45
N GLY A 264 -25.19 29.71 -27.24
CA GLY A 264 -24.27 29.28 -28.28
C GLY A 264 -23.02 28.65 -27.70
N ASN A 265 -22.47 29.24 -26.64
CA ASN A 265 -21.31 28.67 -25.98
C ASN A 265 -21.67 27.45 -25.14
N TYR A 266 -22.87 27.44 -24.54
CA TYR A 266 -23.29 26.28 -23.75
C TYR A 266 -23.44 25.05 -24.63
N TYR A 267 -24.19 25.17 -25.72
CA TYR A 267 -24.47 24.01 -26.57
C TYR A 267 -23.22 23.53 -27.29
N SER A 268 -22.33 24.44 -27.67
CA SER A 268 -21.10 24.03 -28.34
C SER A 268 -20.22 23.19 -27.43
N ILE A 269 -20.12 23.57 -26.16
CA ILE A 269 -19.37 22.77 -25.20
C ILE A 269 -20.04 21.41 -24.99
N PHE A 270 -21.36 21.35 -25.09
CA PHE A 270 -22.07 20.09 -24.96
C PHE A 270 -21.67 19.11 -26.07
N LYS A 271 -21.77 19.56 -27.33
CA LYS A 271 -21.39 18.69 -28.43
C LYS A 271 -19.89 18.42 -28.45
N PHE A 272 -19.08 19.38 -28.03
CA PHE A 272 -17.64 19.16 -27.96
C PHE A 272 -17.29 18.10 -26.93
N GLY A 273 -17.98 18.13 -25.78
CA GLY A 273 -17.74 17.11 -24.77
C GLY A 273 -18.27 15.74 -25.16
N LYS A 274 -19.38 15.71 -25.90
CA LYS A 274 -19.94 14.43 -26.32
C LYS A 274 -19.00 13.69 -27.26
N ASP A 275 -18.31 14.43 -28.13
CA ASP A 275 -17.35 13.80 -29.03
C ASP A 275 -16.13 13.30 -28.27
N SER A 276 -15.70 14.04 -27.25
CA SER A 276 -14.53 13.64 -26.47
C SER A 276 -14.86 12.50 -25.52
N LEU A 277 -16.01 12.58 -24.83
CA LEU A 277 -16.40 11.53 -23.91
C LEU A 277 -16.50 10.18 -24.60
N ASN A 278 -16.91 10.17 -25.88
CA ASN A 278 -16.94 8.93 -26.64
C ASN A 278 -15.54 8.40 -26.87
N MET A 279 -14.62 9.28 -27.28
CA MET A 279 -13.24 8.86 -27.51
C MET A 279 -12.55 8.48 -26.22
N LEU A 280 -12.76 9.27 -25.15
CA LEU A 280 -12.12 8.99 -23.88
C LEU A 280 -12.68 7.71 -23.25
N ASN A 281 -13.92 7.35 -23.56
CA ASN A 281 -14.48 6.10 -23.05
C ASN A 281 -13.75 4.89 -23.61
N LYS A 282 -13.52 4.88 -24.93
CA LYS A 282 -12.82 3.76 -25.54
C LYS A 282 -11.38 3.65 -25.05
N ALA A 283 -10.75 4.79 -24.73
CA ALA A 283 -9.38 4.77 -24.24
C ALA A 283 -9.30 4.16 -22.84
N LEU A 284 -10.27 4.49 -21.97
CA LEU A 284 -10.29 3.93 -20.63
C LEU A 284 -10.49 2.42 -20.66
N ILE A 285 -11.41 1.94 -21.51
CA ILE A 285 -11.65 0.51 -21.62
C ILE A 285 -10.41 -0.18 -22.19
N HIS A 286 -9.76 0.44 -23.17
CA HIS A 286 -8.60 -0.18 -23.80
C HIS A 286 -7.43 -0.30 -22.82
N LYS A 287 -7.15 0.77 -22.06
CA LYS A 287 -6.04 0.72 -21.13
C LYS A 287 -6.32 -0.21 -19.96
N GLU A 288 -7.59 -0.36 -19.57
CA GLU A 288 -7.93 -1.34 -18.56
C GLU A 288 -7.69 -2.76 -19.05
N LYS A 289 -7.86 -3.01 -20.35
CA LYS A 289 -7.53 -4.31 -20.91
C LYS A 289 -6.03 -4.56 -20.88
N ILE A 290 -5.23 -3.52 -21.16
CA ILE A 290 -3.78 -3.67 -21.17
C ILE A 290 -3.26 -4.00 -19.78
N VAL A 291 -3.90 -3.46 -18.73
CA VAL A 291 -3.47 -3.75 -17.36
C VAL A 291 -3.71 -5.22 -17.04
N HIS A 292 -4.89 -5.74 -17.37
CA HIS A 292 -5.20 -7.13 -17.06
C HIS A 292 -4.37 -8.10 -17.88
N ASN A 293 -4.06 -7.74 -19.14
CA ASN A 293 -3.13 -8.56 -19.91
C ASN A 293 -1.74 -8.53 -19.30
N LEU A 294 -1.35 -7.40 -18.70
CA LEU A 294 -0.08 -7.35 -17.98
C LEU A 294 -0.17 -8.08 -16.64
N LEU A 295 -1.34 -8.06 -16.00
CA LEU A 295 -1.51 -8.77 -14.74
C LEU A 295 -1.42 -10.27 -14.94
N GLY A 296 -2.03 -10.78 -16.01
CA GLY A 296 -1.92 -12.20 -16.33
C GLY A 296 -0.52 -12.63 -16.71
N GLU A 297 0.31 -11.69 -17.16
CA GLU A 297 1.70 -11.94 -17.51
C GLU A 297 2.64 -11.79 -16.31
N LEU A 298 2.09 -11.76 -15.10
CA LEU A 298 2.91 -11.48 -13.92
C LEU A 298 3.79 -12.67 -13.55
N PHE A 299 3.24 -13.88 -13.61
CA PHE A 299 4.00 -15.06 -13.19
C PHE A 299 5.08 -15.42 -14.21
N GLY A 300 4.70 -15.54 -15.47
CA GLY A 300 5.65 -15.92 -16.50
C GLY A 300 5.25 -15.36 -17.86
N HIS A 301 6.03 -15.74 -18.87
CA HIS A 301 5.81 -15.29 -20.25
C HIS A 301 5.77 -13.78 -20.36
N GLU B 6 12.40 24.63 -5.75
CA GLU B 6 11.70 23.62 -4.96
C GLU B 6 10.18 23.76 -5.11
N VAL B 7 9.45 22.77 -4.60
CA VAL B 7 7.99 22.75 -4.66
C VAL B 7 7.44 23.27 -3.35
N GLN B 8 6.61 24.31 -3.42
CA GLN B 8 6.00 24.88 -2.22
C GLN B 8 4.62 25.43 -2.57
N LEU B 9 3.75 25.47 -1.56
CA LEU B 9 2.40 25.99 -1.69
C LEU B 9 2.19 27.07 -0.65
N LEU B 10 1.69 28.23 -1.08
CA LEU B 10 1.60 29.42 -0.24
C LEU B 10 0.14 29.74 0.04
N GLU B 11 -0.26 29.61 1.30
CA GLU B 11 -1.62 29.97 1.70
C GLU B 11 -1.70 31.47 1.98
N SER B 12 -2.92 31.99 1.88
CA SER B 12 -3.18 33.40 2.15
C SER B 12 -4.69 33.60 2.30
N GLY B 13 -5.07 34.61 3.09
CA GLY B 13 -6.45 34.98 3.26
C GLY B 13 -7.02 34.68 4.63
N GLY B 14 -6.39 33.79 5.40
CA GLY B 14 -6.91 33.42 6.69
C GLY B 14 -6.90 34.58 7.68
N GLY B 15 -7.77 34.47 8.68
CA GLY B 15 -7.87 35.51 9.70
C GLY B 15 -9.07 35.35 10.61
N LEU B 16 -9.68 36.48 10.99
CA LEU B 16 -10.80 36.49 11.93
C LEU B 16 -12.12 36.55 11.18
N VAL B 17 -13.02 35.62 11.52
CA VAL B 17 -14.37 35.59 10.97
C VAL B 17 -15.36 35.47 12.11
N GLN B 18 -16.51 36.12 11.98
CA GLN B 18 -17.54 35.99 12.99
C GLN B 18 -18.35 34.73 12.77
N PRO B 19 -18.95 34.17 13.83
CA PRO B 19 -19.77 32.96 13.67
C PRO B 19 -20.91 33.21 12.68
N GLY B 20 -20.89 32.46 11.58
CA GLY B 20 -21.83 32.64 10.50
C GLY B 20 -21.27 33.37 9.30
N GLY B 21 -20.11 34.01 9.44
CA GLY B 21 -19.49 34.73 8.35
C GLY B 21 -18.96 33.78 7.28
N SER B 22 -18.17 34.35 6.37
CA SER B 22 -17.63 33.61 5.25
C SER B 22 -16.20 34.05 4.98
N LEU B 23 -15.38 33.11 4.51
CA LEU B 23 -13.97 33.36 4.23
C LEU B 23 -13.62 32.72 2.90
N ARG B 24 -12.77 33.39 2.13
CA ARG B 24 -12.23 32.87 0.88
C ARG B 24 -10.73 32.66 1.08
N LEU B 25 -10.32 31.40 1.22
CA LEU B 25 -8.91 31.05 1.33
C LEU B 25 -8.32 30.84 -0.06
N SER B 26 -7.06 31.24 -0.23
CA SER B 26 -6.37 31.13 -1.51
C SER B 26 -5.06 30.39 -1.31
N CYS B 27 -4.52 29.86 -2.42
CA CYS B 27 -3.28 29.12 -2.39
C CYS B 27 -2.54 29.32 -3.71
N ALA B 28 -1.34 29.88 -3.64
CA ALA B 28 -0.48 30.02 -4.80
C ALA B 28 0.48 28.84 -4.88
N VAL B 29 1.09 28.67 -6.06
CA VAL B 29 1.92 27.50 -6.35
C VAL B 29 3.23 27.97 -6.96
N SER B 30 4.33 27.35 -6.54
CA SER B 30 5.65 27.59 -7.10
C SER B 30 6.43 26.29 -7.09
N GLY B 31 7.00 25.93 -8.24
CA GLY B 31 7.82 24.74 -8.36
C GLY B 31 7.29 23.69 -9.31
N PHE B 32 6.06 23.80 -9.78
CA PHE B 32 5.50 22.81 -10.69
C PHE B 32 4.32 23.45 -11.44
N THR B 33 3.88 22.76 -12.50
CA THR B 33 2.75 23.24 -13.29
C THR B 33 1.45 22.98 -12.53
N PHE B 34 0.66 24.03 -12.36
CA PHE B 34 -0.55 23.95 -11.55
C PHE B 34 -1.61 23.04 -12.18
N ARG B 35 -1.66 22.96 -13.51
CA ARG B 35 -2.73 22.25 -14.18
C ARG B 35 -2.61 20.74 -14.05
N ASN B 36 -1.41 20.21 -13.82
CA ASN B 36 -1.16 18.78 -13.96
C ASN B 36 -1.32 18.00 -12.66
N TYR B 37 -1.62 18.66 -11.55
CA TYR B 37 -1.66 17.99 -10.25
C TYR B 37 -2.98 18.26 -9.55
N ALA B 38 -3.39 17.29 -8.73
CA ALA B 38 -4.58 17.43 -7.90
C ALA B 38 -4.20 18.05 -6.56
N LEU B 39 -5.10 18.87 -6.02
CA LEU B 39 -4.87 19.62 -4.81
C LEU B 39 -5.92 19.27 -3.77
N SER B 40 -5.67 19.70 -2.53
CA SER B 40 -6.57 19.40 -1.44
C SER B 40 -6.31 20.36 -0.28
N TRP B 41 -7.26 20.38 0.66
CA TRP B 41 -7.14 21.15 1.90
C TRP B 41 -7.19 20.21 3.09
N VAL B 42 -6.32 20.44 4.06
CA VAL B 42 -6.31 19.71 5.32
C VAL B 42 -6.17 20.72 6.44
N ARG B 43 -7.03 20.62 7.44
CA ARG B 43 -7.04 21.54 8.57
C ARG B 43 -6.64 20.82 9.84
N GLN B 44 -6.19 21.60 10.83
CA GLN B 44 -5.77 21.07 12.12
C GLN B 44 -6.36 21.96 13.21
N ALA B 45 -7.33 21.43 13.95
CA ALA B 45 -7.94 22.18 15.03
C ALA B 45 -6.96 22.34 16.20
N PRO B 46 -7.14 23.38 17.02
CA PRO B 46 -6.26 23.56 18.19
C PRO B 46 -6.34 22.36 19.13
N GLY B 47 -5.19 21.74 19.38
CA GLY B 47 -5.15 20.57 20.24
C GLY B 47 -5.63 19.29 19.60
N LYS B 48 -5.84 19.27 18.29
CA LYS B 48 -6.29 18.09 17.58
C LYS B 48 -5.32 17.77 16.44
N GLY B 49 -5.61 16.69 15.72
CA GLY B 49 -4.76 16.24 14.64
C GLY B 49 -5.17 16.80 13.30
N LEU B 50 -4.56 16.24 12.25
CA LEU B 50 -4.84 16.68 10.89
C LEU B 50 -6.21 16.19 10.45
N ASP B 51 -7.06 17.13 10.01
CA ASP B 51 -8.42 16.84 9.57
C ASP B 51 -8.52 17.15 8.08
N TRP B 52 -8.75 16.11 7.28
CA TRP B 52 -8.91 16.30 5.84
C TRP B 52 -10.21 17.02 5.54
N VAL B 53 -10.15 18.00 4.64
CA VAL B 53 -11.30 18.82 4.31
C VAL B 53 -11.87 18.41 2.96
N SER B 54 -11.13 18.68 1.89
CA SER B 54 -11.65 18.45 0.55
C SER B 54 -10.50 18.40 -0.44
N THR B 55 -10.69 17.65 -1.53
CA THR B 55 -9.71 17.53 -2.59
C THR B 55 -10.39 17.76 -3.93
N ILE B 56 -9.58 18.01 -4.97
CA ILE B 56 -10.09 18.31 -6.30
C ILE B 56 -9.17 17.69 -7.34
N SER B 57 -9.76 17.31 -8.47
CA SER B 57 -9.00 16.79 -9.60
C SER B 57 -8.15 17.91 -10.22
N ALA B 58 -7.23 17.50 -11.10
CA ALA B 58 -6.30 18.45 -11.71
C ALA B 58 -7.00 19.44 -12.62
N SER B 59 -8.14 19.05 -13.20
CA SER B 59 -8.87 19.90 -14.13
C SER B 59 -10.22 20.35 -13.59
N GLY B 60 -10.57 19.96 -12.37
CA GLY B 60 -11.86 20.32 -11.79
C GLY B 60 -13.00 19.40 -12.16
N GLY B 61 -12.71 18.22 -12.73
CA GLY B 61 -13.78 17.33 -13.14
C GLY B 61 -14.50 16.71 -11.96
N ALA B 62 -13.77 16.32 -10.93
CA ALA B 62 -14.35 15.73 -9.74
C ALA B 62 -13.86 16.46 -8.49
N THR B 63 -14.73 16.55 -7.50
CA THR B 63 -14.41 17.14 -6.21
C THR B 63 -14.94 16.25 -5.10
N TYR B 64 -14.16 16.14 -4.02
CA TYR B 64 -14.51 15.27 -2.91
C TYR B 64 -14.51 16.07 -1.62
N TYR B 65 -15.41 15.71 -0.71
CA TYR B 65 -15.61 16.46 0.52
C TYR B 65 -15.73 15.50 1.70
N ALA B 66 -15.71 16.06 2.90
CA ALA B 66 -15.92 15.33 4.13
C ALA B 66 -17.32 15.60 4.67
N ASP B 67 -17.84 14.64 5.45
CA ASP B 67 -19.21 14.75 5.93
C ASP B 67 -19.41 15.99 6.79
N SER B 68 -18.51 16.23 7.74
CA SER B 68 -18.57 17.42 8.60
C SER B 68 -18.19 18.70 7.87
N VAL B 69 -18.16 18.64 6.53
CA VAL B 69 -17.69 19.76 5.71
C VAL B 69 -18.60 20.05 4.53
N LYS B 70 -19.37 19.08 4.04
CA LYS B 70 -20.18 19.24 2.84
C LYS B 70 -21.07 20.49 2.89
N GLY B 71 -21.51 20.88 4.07
CA GLY B 71 -22.47 21.97 4.17
C GLY B 71 -21.90 23.31 3.74
N HIS B 72 -20.76 23.69 4.29
CA HIS B 72 -20.23 25.04 4.12
C HIS B 72 -19.10 25.12 3.10
N PHE B 73 -18.06 24.30 3.26
CA PHE B 73 -16.86 24.45 2.44
C PHE B 73 -17.12 24.10 0.98
N THR B 74 -16.41 24.79 0.09
CA THR B 74 -16.55 24.60 -1.34
C THR B 74 -15.19 24.77 -2.00
N ILE B 75 -14.80 23.77 -2.79
CA ILE B 75 -13.52 23.79 -3.51
C ILE B 75 -13.68 24.62 -4.79
N SER B 76 -12.68 25.46 -5.07
CA SER B 76 -12.65 26.25 -6.28
C SER B 76 -11.25 26.24 -6.87
N ARG B 77 -11.15 26.12 -8.18
CA ARG B 77 -9.88 26.09 -8.88
C ARG B 77 -9.88 27.11 -10.00
N ASP B 78 -8.69 27.62 -10.33
CA ASP B 78 -8.52 28.60 -11.40
C ASP B 78 -7.24 28.26 -12.15
N ASN B 79 -7.36 27.39 -13.16
CA ASN B 79 -6.19 26.93 -13.90
C ASN B 79 -5.58 28.03 -14.77
N SER B 80 -6.29 29.14 -14.98
CA SER B 80 -5.70 30.26 -15.71
C SER B 80 -4.71 31.00 -14.82
N LYS B 81 -5.19 31.54 -13.70
CA LYS B 81 -4.32 32.23 -12.75
C LYS B 81 -3.53 31.28 -11.86
N ASN B 82 -3.79 29.97 -11.95
CA ASN B 82 -3.07 28.95 -11.19
C ASN B 82 -3.23 29.19 -9.69
N ILE B 83 -4.48 29.36 -9.25
CA ILE B 83 -4.81 29.62 -7.86
C ILE B 83 -5.83 28.59 -7.39
N LEU B 84 -5.70 28.14 -6.16
CA LEU B 84 -6.58 27.14 -5.56
C LEU B 84 -7.31 27.78 -4.38
N TYR B 85 -8.63 27.67 -4.36
CA TYR B 85 -9.46 28.39 -3.41
C TYR B 85 -10.14 27.43 -2.43
N LEU B 86 -10.74 28.02 -1.39
CA LEU B 86 -11.53 27.29 -0.40
C LEU B 86 -12.53 28.27 0.20
N ASP B 87 -13.79 28.16 -0.22
CA ASP B 87 -14.84 29.04 0.26
C ASP B 87 -15.58 28.39 1.42
N MET B 88 -15.68 29.11 2.53
CA MET B 88 -16.36 28.64 3.73
C MET B 88 -17.66 29.43 3.89
N LYS B 89 -18.79 28.74 3.74
CA LYS B 89 -20.09 29.41 3.71
C LYS B 89 -20.48 29.93 5.09
N SER B 90 -20.75 29.02 6.03
CA SER B 90 -21.17 29.38 7.38
C SER B 90 -20.14 28.86 8.36
N LEU B 91 -19.42 29.77 9.01
CA LEU B 91 -18.38 29.41 9.96
C LEU B 91 -18.97 29.22 11.34
N ARG B 92 -18.60 28.12 12.00
CA ARG B 92 -18.97 27.85 13.37
C ARG B 92 -17.71 27.77 14.23
N ALA B 93 -17.91 27.61 15.54
CA ALA B 93 -16.76 27.53 16.46
C ALA B 93 -15.92 26.29 16.23
N GLU B 94 -16.49 25.25 15.62
CA GLU B 94 -15.75 24.03 15.34
C GLU B 94 -14.76 24.19 14.19
N ASP B 95 -14.83 25.28 13.44
CA ASP B 95 -14.01 25.47 12.25
C ASP B 95 -12.75 26.28 12.51
N THR B 96 -12.53 26.76 13.74
CA THR B 96 -11.28 27.42 14.07
C THR B 96 -10.13 26.41 13.96
N ALA B 97 -9.19 26.67 13.06
CA ALA B 97 -8.08 25.76 12.80
C ALA B 97 -7.09 26.46 11.87
N ILE B 98 -5.99 25.77 11.58
CA ILE B 98 -5.02 26.19 10.58
C ILE B 98 -5.19 25.28 9.37
N TYR B 99 -5.38 25.88 8.19
CA TYR B 99 -5.72 25.15 6.98
C TYR B 99 -4.49 25.04 6.10
N TYR B 100 -4.15 23.80 5.75
CA TYR B 100 -2.94 23.50 4.99
C TYR B 100 -3.30 23.26 3.53
N CYS B 101 -2.69 24.04 2.63
CA CYS B 101 -2.80 23.78 1.20
C CYS B 101 -1.82 22.68 0.84
N ALA B 102 -2.34 21.55 0.36
CA ALA B 102 -1.52 20.40 0.03
C ALA B 102 -1.96 19.84 -1.32
N ARG B 103 -1.02 19.22 -2.04
CA ARG B 103 -1.31 18.65 -3.34
C ARG B 103 -1.24 17.12 -3.29
N ASP B 104 -2.11 16.51 -4.08
CA ASP B 104 -2.19 15.05 -4.14
C ASP B 104 -1.02 14.49 -4.93
N GLY B 105 -0.44 13.40 -4.43
CA GLY B 105 0.69 12.78 -5.08
C GLY B 105 0.36 11.93 -6.28
N GLY B 106 -0.92 11.83 -6.66
CA GLY B 106 -1.30 11.05 -7.83
C GLY B 106 -1.23 11.83 -9.12
N SER B 107 -1.45 11.13 -10.22
CA SER B 107 -1.40 11.71 -11.55
C SER B 107 -2.80 12.20 -11.94
N TYR B 108 -2.98 13.51 -11.94
CA TYR B 108 -4.21 14.16 -12.40
C TYR B 108 -5.41 13.77 -11.54
N THR B 109 -5.78 12.50 -11.54
CA THR B 109 -6.79 12.09 -10.58
C THR B 109 -6.14 11.77 -9.24
N PRO B 110 -6.78 12.14 -8.12
CA PRO B 110 -6.13 12.01 -6.82
C PRO B 110 -5.92 10.55 -6.43
N TYR B 111 -4.67 10.20 -6.14
CA TYR B 111 -4.36 8.92 -5.53
C TYR B 111 -4.68 8.90 -4.04
N PHE B 112 -5.07 10.05 -3.47
CA PHE B 112 -5.45 10.18 -2.06
C PHE B 112 -4.26 9.96 -1.12
N PHE B 113 -3.10 10.47 -1.51
CA PHE B 113 -1.96 10.63 -0.60
C PHE B 113 -1.27 11.95 -0.95
N LEU B 114 -0.81 12.64 0.09
CA LEU B 114 -0.36 14.02 -0.07
C LEU B 114 1.12 14.08 -0.38
N ASP B 115 1.48 14.81 -1.44
CA ASP B 115 2.85 14.92 -1.91
C ASP B 115 3.60 16.07 -1.23
N SER B 116 3.03 17.27 -1.26
CA SER B 116 3.62 18.45 -0.64
C SER B 116 2.59 19.11 0.25
N TRP B 117 3.06 20.01 1.10
CA TRP B 117 2.19 20.73 2.03
C TRP B 117 2.59 22.19 2.07
N GLY B 118 1.74 23.00 2.70
CA GLY B 118 2.01 24.40 2.94
C GLY B 118 2.22 24.68 4.41
N GLN B 119 2.65 25.91 4.70
CA GLN B 119 2.90 26.30 6.07
C GLN B 119 1.61 26.37 6.88
N GLY B 120 0.49 26.66 6.24
CA GLY B 120 -0.78 26.73 6.92
C GLY B 120 -1.27 28.16 7.05
N ALA B 121 -2.59 28.30 7.14
CA ALA B 121 -3.24 29.61 7.31
C ALA B 121 -4.22 29.50 8.47
N LEU B 122 -4.08 30.39 9.45
CA LEU B 122 -4.91 30.36 10.64
C LEU B 122 -6.27 31.01 10.36
N VAL B 123 -7.33 30.35 10.80
CA VAL B 123 -8.69 30.86 10.69
C VAL B 123 -9.32 30.83 12.08
N THR B 124 -9.67 32.01 12.59
CA THR B 124 -10.23 32.15 13.92
C THR B 124 -11.70 32.59 13.81
N VAL B 125 -12.57 31.92 14.55
CA VAL B 125 -14.00 32.21 14.53
C VAL B 125 -14.40 32.67 15.93
N SER B 126 -14.55 33.99 16.10
CA SER B 126 -15.02 34.55 17.36
C SER B 126 -15.50 35.97 17.11
N SER B 127 -16.50 36.38 17.87
CA SER B 127 -17.06 37.73 17.78
C SER B 127 -16.21 38.77 18.48
N ALA B 128 -15.02 38.41 18.93
CA ALA B 128 -14.20 39.31 19.74
C ALA B 128 -13.80 40.55 18.94
N SER B 129 -13.85 41.69 19.62
CA SER B 129 -13.45 42.97 19.06
C SER B 129 -12.36 43.57 19.93
N THR B 130 -11.71 44.61 19.40
CA THR B 130 -10.61 45.26 20.10
C THR B 130 -11.04 45.75 21.48
N LYS B 131 -10.25 45.42 22.50
CA LYS B 131 -10.61 45.75 23.87
C LYS B 131 -9.35 45.85 24.71
N GLY B 132 -9.26 46.91 25.51
CA GLY B 132 -8.15 47.10 26.42
C GLY B 132 -8.24 46.17 27.61
N PRO B 133 -7.15 46.07 28.38
CA PRO B 133 -7.13 45.12 29.49
C PRO B 133 -7.40 45.74 30.85
N SER B 134 -7.66 44.91 31.85
CA SER B 134 -7.83 45.34 33.23
C SER B 134 -6.66 44.80 34.04
N VAL B 135 -5.82 45.71 34.54
CA VAL B 135 -4.59 45.33 35.22
C VAL B 135 -4.85 45.28 36.73
N PHE B 136 -4.42 44.18 37.36
CA PHE B 136 -4.58 44.00 38.79
C PHE B 136 -3.26 43.51 39.39
N PRO B 137 -2.86 44.06 40.54
CA PRO B 137 -1.62 43.62 41.17
C PRO B 137 -1.81 42.34 41.97
N LEU B 138 -0.86 41.42 41.81
CA LEU B 138 -0.86 40.15 42.55
C LEU B 138 0.11 40.28 43.70
N ALA B 139 -0.42 40.47 44.90
CA ALA B 139 0.41 40.64 46.08
C ALA B 139 1.10 39.33 46.45
N PRO B 140 2.22 39.41 47.19
CA PRO B 140 2.90 38.17 47.64
C PRO B 140 2.01 37.33 48.54
N SER B 141 2.51 36.16 48.94
CA SER B 141 1.83 35.30 49.90
C SER B 141 2.08 35.72 51.36
N SER B 142 2.18 37.02 51.64
CA SER B 142 2.57 37.53 52.97
C SER B 142 3.86 36.88 53.45
N LYS B 143 4.86 36.88 52.58
CA LYS B 143 6.16 36.28 52.89
C LYS B 143 7.07 37.26 53.62
N GLY B 148 12.80 34.17 52.45
CA GLY B 148 13.92 34.51 51.59
C GLY B 148 13.50 35.19 50.29
N THR B 149 12.79 34.45 49.43
CA THR B 149 12.31 34.96 48.15
C THR B 149 10.80 35.08 48.17
N ALA B 150 10.30 36.23 47.75
CA ALA B 150 8.87 36.46 47.56
C ALA B 150 8.55 36.50 46.07
N ALA B 151 7.31 36.15 45.73
CA ALA B 151 6.85 36.10 44.34
C ALA B 151 5.58 36.95 44.22
N LEU B 152 5.76 38.19 43.78
CA LEU B 152 4.64 39.06 43.46
C LEU B 152 4.49 39.19 41.95
N GLY B 153 3.28 39.48 41.50
CA GLY B 153 3.01 39.52 40.08
C GLY B 153 2.14 40.65 39.59
N CYS B 154 1.62 40.50 38.37
CA CYS B 154 0.81 41.52 37.73
C CYS B 154 -0.16 40.80 36.78
N LEU B 155 -1.45 40.95 37.03
CA LEU B 155 -2.47 40.22 36.28
C LEU B 155 -3.06 41.12 35.20
N VAL B 156 -2.96 40.67 33.95
CA VAL B 156 -3.57 41.33 32.80
C VAL B 156 -4.70 40.44 32.32
N LYS B 157 -5.94 40.94 32.37
CA LYS B 157 -7.11 40.13 32.12
C LYS B 157 -8.07 40.83 31.17
N ASP B 158 -8.74 40.04 30.33
CA ASP B 158 -9.80 40.48 29.44
C ASP B 158 -9.31 41.53 28.43
N TYR B 159 -8.56 41.08 27.42
CA TYR B 159 -8.09 41.96 26.36
C TYR B 159 -8.10 41.21 25.05
N PHE B 160 -8.17 41.98 23.95
CA PHE B 160 -8.16 41.39 22.62
C PHE B 160 -7.74 42.46 21.62
N PRO B 161 -6.86 42.15 20.66
CA PRO B 161 -6.19 40.85 20.56
C PRO B 161 -4.78 40.87 21.16
N GLU B 162 -4.00 39.84 20.86
CA GLU B 162 -2.59 39.81 21.22
C GLU B 162 -1.81 40.79 20.35
N PRO B 163 -0.63 41.25 20.80
CA PRO B 163 0.00 40.97 22.08
C PRO B 163 -0.07 42.14 23.06
N VAL B 164 0.31 41.88 24.31
CA VAL B 164 0.41 42.90 25.34
C VAL B 164 1.82 42.88 25.89
N THR B 165 2.49 44.04 25.86
CA THR B 165 3.85 44.15 26.36
C THR B 165 3.83 44.59 27.83
N VAL B 166 4.51 43.83 28.68
CA VAL B 166 4.54 44.09 30.12
C VAL B 166 6.00 44.16 30.56
N SER B 167 6.38 45.28 31.14
CA SER B 167 7.70 45.46 31.73
C SER B 167 7.55 45.77 33.22
N TRP B 168 8.67 45.99 33.90
CA TRP B 168 8.67 46.25 35.33
C TRP B 168 9.62 47.40 35.64
N ASN B 169 9.14 48.35 36.43
CA ASN B 169 9.93 49.51 36.84
C ASN B 169 10.51 50.25 35.64
N SER B 170 9.67 50.44 34.62
CA SER B 170 10.04 51.14 33.39
C SER B 170 11.24 50.48 32.70
N GLY B 171 11.34 49.16 32.80
CA GLY B 171 12.41 48.42 32.17
C GLY B 171 13.64 48.22 33.04
N ALA B 172 13.60 48.65 34.30
CA ALA B 172 14.76 48.48 35.18
C ALA B 172 14.89 47.05 35.67
N LEU B 173 13.77 46.39 35.94
CA LEU B 173 13.74 45.02 36.45
C LEU B 173 13.45 44.08 35.30
N THR B 174 14.50 43.41 34.79
CA THR B 174 14.35 42.45 33.70
C THR B 174 14.77 41.04 34.06
N SER B 175 15.60 40.85 35.08
CA SER B 175 15.98 39.53 35.53
C SER B 175 15.05 39.07 36.65
N GLY B 176 14.70 37.79 36.64
CA GLY B 176 13.72 37.26 37.57
C GLY B 176 12.28 37.46 37.15
N VAL B 177 12.04 38.21 36.07
CA VAL B 177 10.69 38.39 35.54
C VAL B 177 10.36 37.21 34.65
N HIS B 178 9.10 36.78 34.68
CA HIS B 178 8.62 35.67 33.83
C HIS B 178 7.21 36.02 33.38
N THR B 179 7.11 36.72 32.25
CA THR B 179 5.81 37.00 31.65
C THR B 179 5.27 35.73 31.00
N PHE B 180 4.12 35.27 31.48
CA PHE B 180 3.60 33.97 31.07
C PHE B 180 2.81 34.09 29.77
N PRO B 181 2.73 33.00 29.00
CA PRO B 181 1.90 33.01 27.80
C PRO B 181 0.43 33.24 28.14
N ALA B 182 -0.26 33.96 27.26
CA ALA B 182 -1.65 34.29 27.51
C ALA B 182 -2.55 33.08 27.30
N VAL B 183 -3.70 33.10 27.96
CA VAL B 183 -4.71 32.05 27.82
C VAL B 183 -5.86 32.61 27.01
N LEU B 184 -6.48 31.73 26.21
CA LEU B 184 -7.63 32.10 25.39
C LEU B 184 -8.90 31.61 26.11
N GLN B 185 -9.63 32.56 26.68
CA GLN B 185 -10.83 32.22 27.45
C GLN B 185 -11.96 31.83 26.50
N SER B 186 -13.07 31.37 27.09
CA SER B 186 -14.27 31.09 26.31
C SER B 186 -14.90 32.37 25.78
N SER B 187 -14.56 33.52 26.35
CA SER B 187 -15.05 34.81 25.89
C SER B 187 -14.29 35.36 24.70
N GLY B 188 -13.41 34.57 24.11
CA GLY B 188 -12.60 35.03 22.99
C GLY B 188 -11.56 36.06 23.33
N LEU B 189 -11.47 36.49 24.59
CA LEU B 189 -10.50 37.46 25.04
C LEU B 189 -9.32 36.76 25.70
N TYR B 190 -8.17 37.42 25.68
CA TYR B 190 -6.94 36.85 26.22
C TYR B 190 -6.66 37.39 27.62
N SER B 191 -5.74 36.70 28.31
CA SER B 191 -5.29 37.12 29.63
C SER B 191 -3.95 36.46 29.92
N LEU B 192 -2.97 37.25 30.33
CA LEU B 192 -1.65 36.76 30.71
C LEU B 192 -1.30 37.19 32.12
N SER B 193 -0.12 36.79 32.57
CA SER B 193 0.37 37.14 33.91
C SER B 193 1.88 37.29 33.85
N SER B 194 2.40 38.28 34.58
CA SER B 194 3.83 38.54 34.66
C SER B 194 4.23 38.59 36.13
N VAL B 195 5.15 37.72 36.53
CA VAL B 195 5.57 37.60 37.92
C VAL B 195 7.09 37.70 37.98
N VAL B 196 7.59 38.45 38.96
CA VAL B 196 9.02 38.68 39.13
C VAL B 196 9.43 38.21 40.52
N THR B 197 10.57 37.53 40.60
CA THR B 197 11.15 37.11 41.88
C THR B 197 11.84 38.29 42.54
N VAL B 198 11.45 38.58 43.79
CA VAL B 198 11.96 39.75 44.51
C VAL B 198 12.32 39.34 45.93
N PRO B 199 13.19 40.12 46.59
CA PRO B 199 13.51 39.86 47.99
C PRO B 199 12.30 40.08 48.90
N SER B 200 12.19 39.25 49.93
CA SER B 200 11.05 39.28 50.83
C SER B 200 11.23 40.25 51.98
N SER B 201 12.46 40.56 52.37
CA SER B 201 12.69 41.48 53.47
C SER B 201 12.48 42.94 53.09
N SER B 202 12.29 43.24 51.81
CA SER B 202 12.15 44.62 51.35
C SER B 202 10.91 44.82 50.48
N LEU B 203 9.99 43.85 50.43
CA LEU B 203 8.81 44.01 49.59
C LEU B 203 7.88 45.13 50.07
N GLY B 204 7.97 45.50 51.34
CA GLY B 204 7.12 46.55 51.87
C GLY B 204 7.71 47.93 51.71
N THR B 205 9.03 47.99 51.49
CA THR B 205 9.74 49.26 51.37
C THR B 205 10.24 49.55 49.96
N GLN B 206 10.38 48.54 49.12
CA GLN B 206 10.86 48.72 47.76
C GLN B 206 9.69 48.84 46.80
N THR B 207 9.91 49.58 45.72
CA THR B 207 8.86 49.84 44.73
C THR B 207 8.91 48.79 43.63
N TYR B 208 7.79 48.09 43.43
CA TYR B 208 7.65 47.12 42.35
C TYR B 208 6.40 47.50 41.56
N ILE B 209 6.60 48.04 40.35
CA ILE B 209 5.52 48.55 39.53
C ILE B 209 5.56 47.89 38.16
N CYS B 210 4.44 47.35 37.73
CA CYS B 210 4.30 46.77 36.39
C CYS B 210 3.58 47.76 35.50
N ASN B 211 4.16 48.05 34.33
CA ASN B 211 3.57 48.93 33.36
C ASN B 211 3.10 48.11 32.16
N VAL B 212 1.80 48.19 31.88
CA VAL B 212 1.18 47.42 30.81
C VAL B 212 0.94 48.33 29.61
N ASN B 213 1.26 47.83 28.42
CA ASN B 213 1.04 48.57 27.18
C ASN B 213 0.27 47.68 26.21
N HIS B 214 -0.77 48.24 25.61
CA HIS B 214 -1.62 47.55 24.64
C HIS B 214 -1.65 48.39 23.36
N LYS B 215 -1.01 47.88 22.30
CA LYS B 215 -0.89 48.57 21.02
C LYS B 215 -2.24 48.74 20.33
N PRO B 216 -3.08 47.70 20.23
CA PRO B 216 -4.39 47.90 19.56
C PRO B 216 -5.27 48.93 20.25
N SER B 217 -5.50 48.80 21.55
CA SER B 217 -6.40 49.71 22.25
C SER B 217 -5.72 50.99 22.71
N ASN B 218 -4.41 51.12 22.49
CA ASN B 218 -3.65 52.31 22.93
C ASN B 218 -3.84 52.55 24.43
N THR B 219 -3.79 51.47 25.20
CA THR B 219 -3.98 51.53 26.65
C THR B 219 -2.64 51.33 27.34
N LYS B 220 -2.23 52.31 28.13
CA LYS B 220 -0.98 52.26 28.89
C LYS B 220 -1.32 52.40 30.36
N VAL B 221 -1.05 51.37 31.14
CA VAL B 221 -1.38 51.32 32.57
C VAL B 221 -0.12 51.00 33.35
N ASP B 222 0.12 51.76 34.42
CA ASP B 222 1.19 51.49 35.36
C ASP B 222 0.57 51.14 36.70
N LYS B 223 0.79 49.91 37.17
CA LYS B 223 0.19 49.41 38.39
C LYS B 223 1.28 49.11 39.41
N LYS B 224 1.11 49.64 40.62
CA LYS B 224 2.06 49.42 41.70
C LYS B 224 1.64 48.20 42.52
N VAL B 225 2.58 47.28 42.73
CA VAL B 225 2.34 46.06 43.50
C VAL B 225 2.80 46.30 44.93
N GLU B 226 1.94 45.96 45.89
CA GLU B 226 2.24 46.18 47.30
C GLU B 226 1.55 45.08 48.10
N PRO B 227 2.15 44.63 49.20
CA PRO B 227 1.55 43.56 50.00
C PRO B 227 0.29 44.04 50.70
N LYS B 228 -0.47 43.07 51.22
CA LYS B 228 -1.71 43.33 51.97
C LYS B 228 -1.67 42.52 53.27
N SER B 229 -0.79 42.93 54.18
CA SER B 229 -0.65 42.22 55.46
C SER B 229 -1.88 42.39 56.33
N CYS B 230 -2.60 43.49 56.17
CA CYS B 230 -3.82 43.78 56.94
C CYS B 230 -3.56 43.72 58.45
N TYR C 7 -13.86 4.36 8.24
CA TYR C 7 -12.67 3.70 8.77
C TYR C 7 -12.03 4.54 9.87
N GLU C 8 -11.42 3.87 10.85
CA GLU C 8 -10.79 4.54 11.98
C GLU C 8 -9.40 3.97 12.21
N LEU C 9 -8.40 4.84 12.24
CA LEU C 9 -7.03 4.47 12.56
C LEU C 9 -6.71 4.91 13.99
N THR C 10 -6.07 4.02 14.75
CA THR C 10 -5.75 4.26 16.15
C THR C 10 -4.24 4.42 16.31
N GLN C 11 -3.84 5.50 16.98
CA GLN C 11 -2.44 5.84 17.15
C GLN C 11 -2.16 6.14 18.62
N PRO C 12 -1.13 5.55 19.20
CA PRO C 12 -0.71 5.95 20.55
C PRO C 12 -0.43 7.44 20.60
N ALA C 13 -0.95 8.09 21.65
CA ALA C 13 -0.91 9.54 21.71
C ALA C 13 0.50 10.07 21.89
N SER C 14 1.35 9.36 22.62
CA SER C 14 2.69 9.84 22.93
C SER C 14 3.68 8.69 22.91
N VAL C 15 4.91 9.00 22.48
CA VAL C 15 6.03 8.06 22.46
C VAL C 15 7.28 8.82 22.86
N SER C 16 8.04 8.27 23.80
CA SER C 16 9.30 8.84 24.25
C SER C 16 10.46 8.00 23.75
N VAL C 17 11.52 8.66 23.28
CA VAL C 17 12.71 8.00 22.76
C VAL C 17 13.95 8.74 23.27
N ALA C 18 14.97 7.99 23.66
CA ALA C 18 16.23 8.64 23.98
C ALA C 18 17.08 8.79 22.72
N PRO C 19 17.83 9.89 22.59
CA PRO C 19 18.60 10.13 21.36
C PRO C 19 19.62 9.03 21.13
N GLY C 20 19.53 8.40 19.96
CA GLY C 20 20.36 7.28 19.58
C GLY C 20 19.60 5.96 19.51
N GLN C 21 18.49 5.85 20.22
CA GLN C 21 17.66 4.65 20.20
C GLN C 21 16.83 4.62 18.92
N THR C 22 15.99 3.59 18.79
CA THR C 22 15.12 3.43 17.65
C THR C 22 13.68 3.71 18.08
N ALA C 23 12.99 4.55 17.32
CA ALA C 23 11.59 4.89 17.58
C ALA C 23 10.68 3.99 16.75
N GLN C 24 9.58 3.55 17.36
CA GLN C 24 8.59 2.72 16.68
C GLN C 24 7.20 3.28 16.96
N ILE C 25 6.64 4.00 15.99
CA ILE C 25 5.30 4.55 16.09
C ILE C 25 4.34 3.61 15.37
N THR C 26 3.27 3.23 16.05
CA THR C 26 2.33 2.26 15.53
C THR C 26 1.02 2.94 15.15
N CYS C 27 0.39 2.39 14.12
CA CYS C 27 -0.92 2.84 13.64
C CYS C 27 -1.77 1.60 13.44
N GLY C 28 -2.93 1.55 14.10
CA GLY C 28 -3.74 0.34 14.05
C GLY C 28 -5.11 0.48 13.42
N GLY C 29 -5.65 -0.66 12.98
CA GLY C 29 -6.97 -0.68 12.38
C GLY C 29 -7.33 -2.08 11.94
N ASN C 30 -8.59 -2.26 11.58
CA ASN C 30 -9.09 -3.59 11.21
C ASN C 30 -8.61 -3.93 9.80
N SER C 31 -7.95 -5.07 9.66
CA SER C 31 -7.42 -5.55 8.38
C SER C 31 -6.59 -4.47 7.69
N ILE C 32 -5.60 -3.95 8.43
CA ILE C 32 -4.73 -2.90 7.91
C ILE C 32 -3.81 -3.44 6.82
N GLY C 33 -3.40 -4.70 6.91
CA GLY C 33 -2.47 -5.27 5.96
C GLY C 33 -2.91 -5.27 4.51
N ARG C 34 -4.16 -4.88 4.27
CA ARG C 34 -4.74 -4.83 2.93
C ARG C 34 -4.94 -3.41 2.43
N LYS C 35 -4.33 -2.41 3.06
CA LYS C 35 -4.48 -1.02 2.66
C LYS C 35 -3.13 -0.34 2.58
N SER C 36 -3.05 0.71 1.77
CA SER C 36 -1.82 1.48 1.61
C SER C 36 -1.80 2.60 2.65
N ILE C 37 -0.71 2.70 3.39
CA ILE C 37 -0.59 3.65 4.49
C ILE C 37 0.61 4.56 4.23
N HIS C 38 0.41 5.85 4.47
CA HIS C 38 1.45 6.86 4.31
C HIS C 38 1.62 7.58 5.64
N TRP C 39 2.87 7.90 5.97
CA TRP C 39 3.20 8.55 7.23
C TRP C 39 3.63 9.99 6.98
N TYR C 40 3.24 10.89 7.87
CA TYR C 40 3.56 12.30 7.76
C TYR C 40 4.21 12.79 9.05
N GLN C 41 5.27 13.57 8.90
CA GLN C 41 5.89 14.26 10.02
C GLN C 41 5.46 15.72 10.01
N HIS C 42 5.12 16.26 11.18
CA HIS C 42 4.60 17.61 11.29
C HIS C 42 5.33 18.34 12.40
N LYS C 43 6.13 19.33 12.05
CA LYS C 43 6.72 20.20 13.05
C LYS C 43 5.83 21.42 13.25
N PRO C 44 5.49 21.77 14.49
CA PRO C 44 4.61 22.93 14.72
C PRO C 44 5.20 24.20 14.12
N GLY C 45 4.37 24.93 13.39
CA GLY C 45 4.80 26.11 12.68
C GLY C 45 5.40 25.84 11.31
N GLN C 46 5.62 24.59 10.94
CA GLN C 46 6.19 24.21 9.67
C GLN C 46 5.17 23.40 8.86
N ALA C 47 5.56 23.10 7.62
CA ALA C 47 4.70 22.31 6.74
C ALA C 47 4.92 20.82 6.98
N PRO C 48 3.85 20.02 7.01
CA PRO C 48 4.02 18.57 7.13
C PRO C 48 4.82 18.00 5.98
N VAL C 49 5.42 16.84 6.22
CA VAL C 49 6.31 16.19 5.26
C VAL C 49 5.90 14.74 5.11
N LEU C 50 5.73 14.29 3.87
CA LEU C 50 5.47 12.88 3.59
C LEU C 50 6.75 12.09 3.74
N VAL C 51 6.88 11.33 4.83
CA VAL C 51 8.10 10.62 5.14
C VAL C 51 8.09 9.26 4.46
N ILE C 52 7.07 8.45 4.74
CA ILE C 52 6.89 7.13 4.14
C ILE C 52 5.52 7.10 3.49
N SER C 53 5.47 6.59 2.25
CA SER C 53 4.22 6.39 1.55
C SER C 53 4.16 4.96 1.01
N TYR C 54 2.95 4.42 0.94
CA TYR C 54 2.71 3.06 0.46
C TYR C 54 3.52 2.04 1.27
N ASP C 55 3.22 1.98 2.56
CA ASP C 55 3.80 1.03 3.50
C ASP C 55 5.29 1.25 3.72
N SER C 56 6.11 1.04 2.69
CA SER C 56 7.55 0.99 2.86
C SER C 56 8.34 2.00 2.03
N ASP C 57 7.75 2.60 1.01
CA ASP C 57 8.50 3.47 0.12
C ASP C 57 8.82 4.81 0.77
N ARG C 58 9.98 5.36 0.43
CA ARG C 58 10.42 6.65 0.92
C ARG C 58 10.72 7.57 -0.25
N PRO C 59 10.16 8.78 -0.28
CA PRO C 59 10.51 9.74 -1.34
C PRO C 59 11.95 10.20 -1.20
N SER C 60 12.43 10.86 -2.25
CA SER C 60 13.79 11.41 -2.23
C SER C 60 13.93 12.44 -1.13
N GLY C 61 15.12 12.51 -0.54
CA GLY C 61 15.40 13.43 0.53
C GLY C 61 15.04 12.96 1.91
N ILE C 62 14.63 11.71 2.07
CA ILE C 62 14.31 11.12 3.36
C ILE C 62 15.41 10.13 3.72
N PRO C 63 16.02 10.24 4.90
CA PRO C 63 17.12 9.33 5.24
C PRO C 63 16.65 7.90 5.39
N GLU C 64 17.61 6.98 5.33
CA GLU C 64 17.33 5.56 5.51
C GLU C 64 16.95 5.22 6.94
N ARG C 65 17.11 6.15 7.88
CA ARG C 65 16.72 5.88 9.26
C ARG C 65 15.22 5.60 9.36
N PHE C 66 14.42 6.29 8.56
CA PHE C 66 12.97 6.07 8.54
C PHE C 66 12.65 4.79 7.78
N SER C 67 11.75 3.99 8.36
CA SER C 67 11.35 2.72 7.77
C SER C 67 9.85 2.54 7.96
N GLY C 68 9.28 1.67 7.13
CA GLY C 68 7.86 1.41 7.20
C GLY C 68 7.50 -0.05 6.98
N SER C 69 6.61 -0.58 7.79
CA SER C 69 6.13 -1.94 7.66
C SER C 69 4.61 -1.94 7.81
N ASN C 70 3.99 -3.04 7.37
CA ASN C 70 2.54 -3.14 7.44
C ASN C 70 2.14 -4.59 7.25
N SER C 71 1.48 -5.16 8.25
CA SER C 71 1.02 -6.55 8.18
C SER C 71 -0.05 -6.77 9.25
N GLY C 72 -1.12 -7.46 8.86
CA GLY C 72 -2.16 -7.79 9.81
C GLY C 72 -3.02 -6.60 10.21
N ASN C 73 -2.94 -6.21 11.48
CA ASN C 73 -3.79 -5.17 12.04
C ASN C 73 -3.07 -3.86 12.32
N THR C 74 -1.73 -3.84 12.31
CA THR C 74 -0.97 -2.64 12.65
C THR C 74 0.14 -2.40 11.64
N ALA C 75 0.41 -1.13 11.38
CA ALA C 75 1.58 -0.70 10.63
C ALA C 75 2.49 0.10 11.55
N THR C 76 3.80 -0.06 11.36
CA THR C 76 4.79 0.54 12.25
C THR C 76 5.71 1.44 11.45
N LEU C 77 5.89 2.66 11.94
CA LEU C 77 6.89 3.60 11.43
C LEU C 77 8.12 3.53 12.33
N THR C 78 9.28 3.29 11.74
CA THR C 78 10.51 3.03 12.48
C THR C 78 11.57 4.07 12.12
N ILE C 79 12.16 4.67 13.16
CA ILE C 79 13.27 5.61 13.01
C ILE C 79 14.47 5.00 13.73
N SER C 80 15.51 4.68 12.96
CA SER C 80 16.60 3.86 13.51
C SER C 80 17.45 4.65 14.50
N LYS C 81 18.08 5.73 14.06
CA LYS C 81 18.95 6.54 14.90
C LYS C 81 18.26 7.89 15.12
N VAL C 82 17.42 7.95 16.14
CA VAL C 82 16.61 9.13 16.38
C VAL C 82 17.48 10.29 16.83
N GLU C 83 17.20 11.47 16.31
CA GLU C 83 17.89 12.70 16.68
C GLU C 83 16.91 13.64 17.37
N ALA C 84 17.46 14.70 17.98
CA ALA C 84 16.61 15.75 18.54
C ALA C 84 15.85 16.51 17.47
N GLY C 85 16.35 16.50 16.23
CA GLY C 85 15.68 17.13 15.12
C GLY C 85 14.49 16.36 14.56
N ASP C 86 14.31 15.11 14.98
CA ASP C 86 13.17 14.32 14.57
C ASP C 86 11.99 14.47 15.51
N GLU C 87 12.06 15.39 16.48
CA GLU C 87 11.00 15.57 17.46
C GLU C 87 9.82 16.29 16.78
N ALA C 88 8.73 15.56 16.58
CA ALA C 88 7.53 16.08 15.96
C ALA C 88 6.43 15.06 16.13
N ASP C 89 5.18 15.49 15.98
CA ASP C 89 4.06 14.57 16.03
C ASP C 89 3.82 13.96 14.66
N PHE C 90 3.67 12.64 14.62
CA PHE C 90 3.54 11.89 13.39
C PHE C 90 2.11 11.43 13.20
N TYR C 91 1.70 11.31 11.93
CA TYR C 91 0.34 10.88 11.58
C TYR C 91 0.43 9.83 10.50
N CYS C 92 -0.33 8.75 10.68
CA CYS C 92 -0.56 7.76 9.62
C CYS C 92 -1.79 8.15 8.81
N GLN C 93 -1.83 7.70 7.56
CA GLN C 93 -2.90 8.12 6.67
C GLN C 93 -3.26 6.99 5.72
N VAL C 94 -4.55 6.69 5.63
CA VAL C 94 -5.10 5.76 4.66
C VAL C 94 -6.31 6.42 4.01
N ARG C 95 -6.62 5.99 2.79
CA ARG C 95 -7.81 6.46 2.08
C ARG C 95 -8.93 5.43 2.24
N ASP C 96 -10.13 5.92 2.54
CA ASP C 96 -11.30 5.07 2.74
C ASP C 96 -12.00 4.95 1.39
N SER C 97 -11.80 3.81 0.72
CA SER C 97 -12.30 3.62 -0.64
C SER C 97 -13.82 3.61 -0.72
N ASP C 98 -14.50 3.35 0.39
CA ASP C 98 -15.95 3.26 0.39
C ASP C 98 -16.58 4.61 0.07
N ASN C 99 -16.39 5.59 0.95
CA ASN C 99 -16.93 6.93 0.75
C ASN C 99 -15.94 7.86 0.05
N ASP C 100 -14.73 7.40 -0.23
CA ASP C 100 -13.72 8.11 -1.01
C ASP C 100 -13.37 9.45 -0.36
N HIS C 101 -12.59 9.36 0.71
CA HIS C 101 -11.91 10.52 1.29
C HIS C 101 -10.76 10.02 2.14
N VAL C 102 -9.96 10.98 2.60
CA VAL C 102 -8.73 10.72 3.35
C VAL C 102 -9.03 10.63 4.83
N VAL C 103 -8.45 9.63 5.49
CA VAL C 103 -8.59 9.42 6.92
C VAL C 103 -7.21 9.45 7.55
N PHE C 104 -7.06 10.20 8.63
CA PHE C 104 -5.82 10.30 9.38
C PHE C 104 -5.94 9.59 10.72
N GLY C 105 -4.80 9.23 11.28
CA GLY C 105 -4.77 8.70 12.63
C GLY C 105 -4.91 9.82 13.65
N GLY C 106 -5.03 9.40 14.92
CA GLY C 106 -5.18 10.38 15.99
C GLY C 106 -3.97 11.27 16.19
N GLY C 107 -2.80 10.83 15.75
CA GLY C 107 -1.58 11.57 15.99
C GLY C 107 -0.73 10.92 17.08
N THR C 108 0.57 11.10 16.97
CA THR C 108 1.52 10.52 17.91
C THR C 108 2.64 11.53 18.15
N LYS C 109 2.65 12.13 19.33
CA LYS C 109 3.71 13.07 19.69
C LYS C 109 4.99 12.32 20.00
N LEU C 110 6.04 12.58 19.24
CA LEU C 110 7.35 11.95 19.43
C LEU C 110 8.24 12.90 20.20
N THR C 111 8.54 12.55 21.45
CA THR C 111 9.34 13.39 22.33
C THR C 111 10.71 12.75 22.53
N VAL C 112 11.76 13.45 22.11
CA VAL C 112 13.12 13.01 22.31
C VAL C 112 13.64 13.60 23.61
N LEU C 113 14.10 12.73 24.51
CA LEU C 113 14.53 13.13 25.85
C LEU C 113 15.96 13.65 25.79
N GLY C 114 16.10 14.95 25.55
CA GLY C 114 17.38 15.62 25.49
C GLY C 114 17.83 16.27 26.78
N GLN C 115 17.08 16.12 27.86
CA GLN C 115 17.42 16.72 29.14
C GLN C 115 16.71 15.95 30.23
N PRO C 116 17.22 15.97 31.47
CA PRO C 116 16.56 15.23 32.54
C PRO C 116 15.17 15.78 32.86
N LYS C 117 14.39 14.93 33.51
CA LYS C 117 13.05 15.32 33.94
C LYS C 117 13.12 16.42 34.98
N ALA C 118 12.25 17.43 34.83
CA ALA C 118 12.20 18.58 35.72
C ALA C 118 10.81 18.73 36.29
N ALA C 119 10.71 18.86 37.62
CA ALA C 119 9.45 19.04 38.28
C ALA C 119 8.96 20.48 38.18
N PRO C 120 7.66 20.69 38.06
CA PRO C 120 7.15 22.05 37.88
C PRO C 120 7.23 22.88 39.15
N SER C 121 7.09 24.20 38.97
CA SER C 121 7.09 25.16 40.06
C SER C 121 5.74 25.87 40.05
N VAL C 122 4.94 25.64 41.09
CA VAL C 122 3.58 26.14 41.17
C VAL C 122 3.57 27.40 42.03
N THR C 123 2.94 28.46 41.53
CA THR C 123 2.78 29.71 42.26
C THR C 123 1.31 30.12 42.15
N LEU C 124 0.58 30.04 43.26
CA LEU C 124 -0.84 30.33 43.29
C LEU C 124 -1.08 31.69 43.91
N PHE C 125 -2.01 32.45 43.32
CA PHE C 125 -2.27 33.81 43.77
C PHE C 125 -3.72 33.99 44.18
N PRO C 126 -3.97 34.68 45.28
CA PRO C 126 -5.36 35.02 45.66
C PRO C 126 -5.88 36.14 44.78
N PRO C 127 -7.19 36.42 44.83
CA PRO C 127 -7.71 37.57 44.10
C PRO C 127 -7.25 38.87 44.72
N SER C 128 -6.86 39.82 43.88
CA SER C 128 -6.42 41.11 44.35
C SER C 128 -7.56 41.84 45.06
N SER C 129 -7.20 42.64 46.06
CA SER C 129 -8.19 43.46 46.76
C SER C 129 -8.87 44.45 45.81
N GLU C 130 -8.19 44.84 44.73
CA GLU C 130 -8.81 45.72 43.74
C GLU C 130 -9.85 44.97 42.92
N GLU C 131 -9.62 43.69 42.64
CA GLU C 131 -10.60 42.91 41.89
C GLU C 131 -11.82 42.58 42.73
N LEU C 132 -11.61 42.29 44.02
CA LEU C 132 -12.73 42.04 44.91
C LEU C 132 -13.61 43.27 45.06
N GLN C 133 -13.01 44.47 45.00
CA GLN C 133 -13.79 45.70 45.05
C GLN C 133 -14.55 45.93 43.74
N ALA C 134 -14.17 45.27 42.66
CA ALA C 134 -14.85 45.39 41.38
C ALA C 134 -15.85 44.26 41.15
N ASN C 135 -16.28 43.58 42.22
CA ASN C 135 -17.27 42.50 42.14
C ASN C 135 -16.78 41.36 41.25
N LYS C 136 -15.49 41.05 41.34
CA LYS C 136 -14.89 39.96 40.59
C LYS C 136 -13.83 39.28 41.44
N ALA C 137 -13.39 38.11 40.99
CA ALA C 137 -12.34 37.36 41.69
C ALA C 137 -11.76 36.33 40.72
N THR C 138 -10.44 36.21 40.73
CA THR C 138 -9.75 35.27 39.85
C THR C 138 -8.55 34.68 40.56
N LEU C 139 -8.39 33.37 40.48
CA LEU C 139 -7.23 32.67 41.01
C LEU C 139 -6.27 32.35 39.89
N VAL C 140 -5.00 32.68 40.08
CA VAL C 140 -3.97 32.49 39.05
C VAL C 140 -3.01 31.42 39.54
N CYS C 141 -2.89 30.33 38.79
CA CYS C 141 -1.99 29.23 39.10
C CYS C 141 -0.95 29.14 37.99
N LEU C 142 0.29 29.50 38.31
CA LEU C 142 1.35 29.63 37.32
C LEU C 142 2.32 28.45 37.44
N ILE C 143 2.52 27.75 36.33
CA ILE C 143 3.37 26.56 36.26
C ILE C 143 4.54 26.85 35.35
N SER C 144 5.75 26.63 35.85
CA SER C 144 6.95 26.98 35.10
C SER C 144 8.05 25.97 35.37
N ASP C 145 8.98 25.86 34.41
CA ASP C 145 10.18 25.04 34.50
C ASP C 145 9.85 23.58 34.82
N PHE C 146 9.23 22.93 33.83
CA PHE C 146 8.96 21.51 33.90
C PHE C 146 9.23 20.87 32.55
N TYR C 147 9.62 19.59 32.57
CA TYR C 147 9.94 18.83 31.39
C TYR C 147 9.71 17.36 31.70
N PRO C 148 9.06 16.59 30.81
CA PRO C 148 8.50 17.05 29.53
C PRO C 148 7.23 17.87 29.71
N GLY C 149 6.76 18.49 28.63
CA GLY C 149 5.60 19.36 28.69
C GLY C 149 4.29 18.63 28.70
N ALA C 150 3.87 18.14 29.87
CA ALA C 150 2.61 17.42 30.00
C ALA C 150 2.16 17.53 31.46
N VAL C 151 1.29 18.50 31.75
CA VAL C 151 0.78 18.72 33.09
C VAL C 151 -0.74 18.62 33.07
N THR C 152 -1.31 18.21 34.20
CA THR C 152 -2.75 18.11 34.37
C THR C 152 -3.13 18.92 35.60
N VAL C 153 -3.99 19.92 35.41
CA VAL C 153 -4.37 20.84 36.47
C VAL C 153 -5.76 20.48 36.97
N ALA C 154 -5.92 20.43 38.29
CA ALA C 154 -7.20 20.19 38.94
C ALA C 154 -7.37 21.19 40.08
N TRP C 155 -8.58 21.73 40.21
CA TRP C 155 -8.86 22.73 41.22
C TRP C 155 -9.75 22.15 42.31
N LYS C 156 -9.51 22.56 43.55
CA LYS C 156 -10.28 22.11 44.70
C LYS C 156 -10.83 23.32 45.44
N ALA C 157 -12.06 23.18 45.93
CA ALA C 157 -12.72 24.20 46.75
C ALA C 157 -13.05 23.55 48.09
N ASP C 158 -12.16 23.73 49.06
CA ASP C 158 -12.25 23.07 50.36
C ASP C 158 -12.32 21.55 50.18
N SER C 159 -11.31 21.02 49.48
CA SER C 159 -11.16 19.60 49.19
C SER C 159 -12.29 19.07 48.31
N SER C 160 -13.00 19.95 47.61
CA SER C 160 -14.06 19.54 46.69
C SER C 160 -13.66 19.86 45.26
N PRO C 161 -13.75 18.89 44.34
CA PRO C 161 -13.30 19.15 42.97
C PRO C 161 -14.11 20.27 42.32
N VAL C 162 -13.41 21.08 41.52
CA VAL C 162 -14.01 22.21 40.82
C VAL C 162 -13.75 22.04 39.33
N LYS C 163 -14.79 22.21 38.53
CA LYS C 163 -14.67 22.18 37.08
C LYS C 163 -15.19 23.43 36.40
N ALA C 164 -15.96 24.26 37.09
CA ALA C 164 -16.51 25.48 36.52
C ALA C 164 -15.57 26.65 36.79
N GLY C 165 -15.27 27.41 35.74
CA GLY C 165 -14.41 28.56 35.85
C GLY C 165 -12.94 28.30 35.55
N VAL C 166 -12.59 27.08 35.18
CA VAL C 166 -11.20 26.73 34.90
C VAL C 166 -10.88 27.05 33.45
N GLU C 167 -9.78 27.78 33.24
CA GLU C 167 -9.32 28.15 31.91
C GLU C 167 -7.81 27.86 31.82
N THR C 168 -7.47 26.58 31.71
CA THR C 168 -6.08 26.17 31.62
C THR C 168 -5.56 26.34 30.19
N THR C 169 -4.30 26.72 30.06
CA THR C 169 -3.67 26.92 28.76
C THR C 169 -2.74 25.76 28.42
N THR C 170 -2.22 25.82 27.20
CA THR C 170 -1.35 24.78 26.67
C THR C 170 0.10 25.03 27.10
N PRO C 171 0.86 23.98 27.42
CA PRO C 171 2.28 24.18 27.73
C PRO C 171 3.02 24.82 26.57
N SER C 172 3.84 25.82 26.90
CA SER C 172 4.61 26.58 25.92
C SER C 172 6.10 26.39 26.19
N LYS C 173 6.86 26.10 25.14
CA LYS C 173 8.29 25.88 25.29
C LYS C 173 9.01 27.20 25.54
N GLN C 174 9.72 27.29 26.66
CA GLN C 174 10.48 28.49 27.00
C GLN C 174 11.79 28.50 26.21
N SER C 175 12.69 29.42 26.57
CA SER C 175 13.95 29.53 25.85
C SER C 175 14.92 28.42 26.21
N ASN C 176 14.79 27.85 27.42
CA ASN C 176 15.64 26.77 27.88
C ASN C 176 15.08 25.40 27.52
N ASN C 177 14.24 25.31 26.49
CA ASN C 177 13.58 24.07 26.08
C ASN C 177 12.73 23.46 27.20
N LYS C 178 12.37 24.25 28.20
CA LYS C 178 11.44 23.85 29.24
C LYS C 178 10.08 24.48 29.00
N TYR C 179 9.05 23.91 29.61
CA TYR C 179 7.68 24.28 29.32
C TYR C 179 7.07 25.06 30.49
N ALA C 180 6.05 25.86 30.16
CA ALA C 180 5.35 26.67 31.13
C ALA C 180 3.86 26.63 30.84
N ALA C 181 3.06 26.74 31.90
CA ALA C 181 1.61 26.69 31.76
C ALA C 181 0.97 27.59 32.81
N SER C 182 -0.33 27.79 32.65
CA SER C 182 -1.09 28.65 33.57
C SER C 182 -2.51 28.11 33.69
N SER C 183 -3.17 28.45 34.79
CA SER C 183 -4.53 28.02 35.04
C SER C 183 -5.24 29.10 35.84
N TYR C 184 -6.39 29.54 35.34
CA TYR C 184 -7.14 30.64 35.92
C TYR C 184 -8.50 30.15 36.35
N LEU C 185 -8.86 30.42 37.61
CA LEU C 185 -10.16 30.03 38.17
C LEU C 185 -10.99 31.29 38.39
N SER C 186 -12.09 31.41 37.63
CA SER C 186 -12.98 32.56 37.73
C SER C 186 -14.07 32.26 38.74
N LEU C 187 -14.17 33.09 39.78
CA LEU C 187 -15.15 32.90 40.84
C LEU C 187 -15.82 34.23 41.14
N THR C 188 -17.11 34.18 41.47
CA THR C 188 -17.80 35.36 41.96
C THR C 188 -17.34 35.65 43.40
N PRO C 189 -17.41 36.91 43.83
CA PRO C 189 -16.93 37.25 45.19
C PRO C 189 -17.61 36.45 46.28
N GLU C 190 -18.83 35.97 46.07
CA GLU C 190 -19.51 35.18 47.10
C GLU C 190 -18.92 33.77 47.21
N GLN C 191 -18.61 33.15 46.07
CA GLN C 191 -17.96 31.85 46.09
C GLN C 191 -16.58 31.92 46.75
N TRP C 192 -15.84 33.00 46.49
CA TRP C 192 -14.49 33.13 47.03
C TRP C 192 -14.52 33.25 48.55
N LYS C 193 -15.45 34.04 49.09
CA LYS C 193 -15.47 34.28 50.53
C LYS C 193 -16.09 33.11 51.30
N SER C 194 -16.97 32.35 50.68
CA SER C 194 -17.71 31.29 51.38
C SER C 194 -16.98 29.95 51.35
N HIS C 195 -15.69 29.97 51.71
CA HIS C 195 -14.89 28.75 51.78
C HIS C 195 -13.77 28.97 52.79
N ARG C 196 -12.99 27.90 53.02
CA ARG C 196 -11.87 27.96 53.94
C ARG C 196 -10.51 27.86 53.25
N SER C 197 -10.44 27.27 52.06
CA SER C 197 -9.18 27.15 51.34
C SER C 197 -9.40 26.72 49.89
N TYR C 198 -8.77 27.44 48.95
CA TYR C 198 -8.72 27.05 47.55
C TYR C 198 -7.31 26.58 47.21
N SER C 199 -7.22 25.49 46.45
CA SER C 199 -5.95 24.86 46.18
C SER C 199 -5.83 24.49 44.71
N CYS C 200 -4.71 24.89 44.10
CA CYS C 200 -4.37 24.48 42.74
C CYS C 200 -3.52 23.21 42.79
N GLN C 201 -3.91 22.20 42.02
CA GLN C 201 -3.25 20.90 42.04
C GLN C 201 -2.69 20.62 40.64
N VAL C 202 -1.36 20.61 40.53
CA VAL C 202 -0.66 20.40 39.27
C VAL C 202 0.03 19.05 39.32
N THR C 203 -0.29 18.20 38.35
CA THR C 203 0.28 16.85 38.27
C THR C 203 1.16 16.75 37.04
N HIS C 204 2.41 16.32 37.25
CA HIS C 204 3.38 16.18 36.17
C HIS C 204 4.14 14.88 36.36
N GLU C 205 4.07 14.00 35.36
CA GLU C 205 4.80 12.73 35.36
C GLU C 205 4.45 11.87 36.57
N GLY C 206 3.20 11.94 37.02
CA GLY C 206 2.76 11.19 38.18
C GLY C 206 3.01 11.86 39.51
N SER C 207 3.64 13.02 39.53
CA SER C 207 3.96 13.74 40.75
C SER C 207 3.07 14.97 40.86
N THR C 208 2.41 15.13 42.00
CA THR C 208 1.47 16.21 42.23
C THR C 208 2.08 17.26 43.14
N VAL C 209 2.00 18.52 42.72
CA VAL C 209 2.46 19.66 43.51
C VAL C 209 1.24 20.50 43.87
N GLU C 210 1.07 20.75 45.17
CA GLU C 210 -0.12 21.42 45.68
C GLU C 210 0.25 22.75 46.29
N LYS C 211 -0.49 23.80 45.91
CA LYS C 211 -0.47 25.09 46.58
C LYS C 211 -1.87 25.40 47.09
N THR C 212 -1.96 26.31 48.06
CA THR C 212 -3.24 26.58 48.69
C THR C 212 -3.33 28.06 49.06
N VAL C 213 -4.54 28.60 48.99
CA VAL C 213 -4.83 29.99 49.33
C VAL C 213 -6.09 30.03 50.17
N ALA C 214 -6.09 30.87 51.21
CA ALA C 214 -7.20 31.01 52.15
C ALA C 214 -8.02 32.25 51.84
N PRO C 215 -9.35 32.13 51.87
CA PRO C 215 -10.21 33.29 51.58
C PRO C 215 -10.15 34.40 52.60
N THR C 216 -9.55 34.18 53.76
CA THR C 216 -9.54 35.18 54.82
C THR C 216 -8.69 36.39 54.39
N GLU C 217 -8.64 37.39 55.26
CA GLU C 217 -7.98 38.67 54.99
C GLU C 217 -8.58 39.33 53.75
N TYR D 7 21.02 -16.89 -0.41
CA TYR D 7 22.21 -16.07 -0.19
C TYR D 7 22.66 -16.13 1.27
N GLU D 8 22.66 -14.97 1.93
CA GLU D 8 23.03 -14.87 3.34
C GLU D 8 21.84 -14.32 4.12
N LEU D 9 21.33 -15.13 5.05
CA LEU D 9 20.27 -14.70 5.97
C LEU D 9 20.90 -14.35 7.31
N THR D 10 20.50 -13.21 7.87
CA THR D 10 21.07 -12.70 9.10
C THR D 10 20.07 -12.87 10.24
N GLN D 11 20.55 -13.41 11.36
CA GLN D 11 19.75 -13.62 12.56
C GLN D 11 20.48 -13.07 13.78
N PRO D 12 19.77 -12.38 14.68
CA PRO D 12 20.40 -11.97 15.93
C PRO D 12 20.85 -13.18 16.75
N ALA D 13 21.95 -12.99 17.48
CA ALA D 13 22.54 -14.11 18.22
C ALA D 13 21.57 -14.64 19.28
N SER D 14 20.97 -13.75 20.05
CA SER D 14 20.07 -14.16 21.12
C SER D 14 18.98 -13.10 21.30
N VAL D 15 17.82 -13.55 21.74
CA VAL D 15 16.68 -12.68 22.05
C VAL D 15 16.09 -13.14 23.38
N SER D 16 16.03 -12.22 24.34
CA SER D 16 15.55 -12.51 25.68
C SER D 16 14.34 -11.64 25.97
N VAL D 17 13.24 -12.27 26.39
CA VAL D 17 11.99 -11.58 26.70
C VAL D 17 11.41 -12.18 27.97
N ALA D 18 10.94 -11.31 28.86
CA ALA D 18 10.34 -11.75 30.10
C ALA D 18 9.03 -12.51 29.82
N PRO D 19 8.67 -13.46 30.68
CA PRO D 19 7.44 -14.23 30.44
C PRO D 19 6.21 -13.33 30.45
N GLY D 20 5.24 -13.68 29.60
CA GLY D 20 4.01 -12.94 29.50
C GLY D 20 4.00 -11.85 28.44
N GLN D 21 5.17 -11.41 27.99
CA GLN D 21 5.28 -10.35 26.99
C GLN D 21 5.67 -10.93 25.64
N THR D 22 5.56 -10.10 24.62
CA THR D 22 5.80 -10.54 23.25
C THR D 22 7.29 -10.59 22.94
N ALA D 23 7.69 -11.61 22.19
CA ALA D 23 9.06 -11.76 21.71
C ALA D 23 9.07 -11.66 20.19
N GLN D 24 10.12 -11.05 19.64
CA GLN D 24 10.23 -10.82 18.20
C GLN D 24 11.58 -11.32 17.72
N ILE D 25 11.55 -12.36 16.90
CA ILE D 25 12.75 -12.92 16.27
C ILE D 25 12.70 -12.55 14.79
N THR D 26 13.67 -11.76 14.35
CA THR D 26 13.69 -11.23 12.99
C THR D 26 14.75 -11.91 12.16
N CYS D 27 14.51 -11.98 10.84
CA CYS D 27 15.46 -12.52 9.89
C CYS D 27 15.77 -11.45 8.85
N GLY D 28 17.05 -11.25 8.58
CA GLY D 28 17.49 -10.19 7.68
C GLY D 28 18.19 -10.76 6.46
N GLY D 29 18.08 -10.03 5.36
CA GLY D 29 18.72 -10.41 4.12
C GLY D 29 18.80 -9.21 3.20
N ASN D 30 19.04 -9.49 1.92
CA ASN D 30 19.13 -8.40 0.94
C ASN D 30 17.75 -7.87 0.58
N SER D 31 16.85 -8.76 0.14
CA SER D 31 15.48 -8.40 -0.19
C SER D 31 14.59 -9.55 0.29
N ILE D 32 14.17 -9.47 1.55
CA ILE D 32 13.43 -10.57 2.16
C ILE D 32 11.94 -10.47 1.82
N GLY D 33 11.43 -9.26 1.59
CA GLY D 33 10.02 -9.09 1.27
C GLY D 33 9.58 -9.81 0.02
N ARG D 34 10.52 -10.11 -0.89
CA ARG D 34 10.23 -10.84 -2.11
C ARG D 34 10.54 -12.33 -1.98
N LYS D 35 10.62 -12.84 -0.75
CA LYS D 35 11.05 -14.21 -0.51
C LYS D 35 10.13 -14.86 0.51
N SER D 36 9.94 -16.17 0.37
CA SER D 36 9.13 -16.95 1.30
C SER D 36 10.05 -17.56 2.36
N ILE D 37 9.76 -17.28 3.62
CA ILE D 37 10.58 -17.72 4.73
C ILE D 37 9.80 -18.73 5.57
N HIS D 38 10.53 -19.69 6.14
CA HIS D 38 9.96 -20.72 6.99
C HIS D 38 10.71 -20.74 8.32
N TRP D 39 9.97 -20.96 9.41
CA TRP D 39 10.52 -20.90 10.76
C TRP D 39 10.55 -22.28 11.39
N TYR D 40 11.63 -22.55 12.14
CA TYR D 40 11.83 -23.83 12.80
C TYR D 40 12.15 -23.61 14.27
N GLN D 41 11.64 -24.51 15.12
CA GLN D 41 11.88 -24.48 16.56
C GLN D 41 12.72 -25.70 16.93
N HIS D 42 13.99 -25.47 17.23
CA HIS D 42 14.95 -26.54 17.51
C HIS D 42 15.33 -26.50 18.99
N LYS D 43 15.01 -27.59 19.71
CA LYS D 43 15.34 -27.80 21.11
C LYS D 43 16.58 -28.66 21.23
N PRO D 44 17.35 -28.51 22.31
CA PRO D 44 18.55 -29.34 22.48
C PRO D 44 18.18 -30.80 22.73
N GLY D 45 18.72 -31.68 21.90
CA GLY D 45 18.42 -33.10 22.01
C GLY D 45 17.01 -33.47 21.61
N GLN D 46 16.44 -32.77 20.63
CA GLN D 46 15.08 -33.03 20.17
C GLN D 46 15.05 -32.91 18.66
N ALA D 47 13.84 -32.94 18.09
CA ALA D 47 13.62 -32.81 16.67
C ALA D 47 13.05 -31.45 16.35
N PRO D 48 13.58 -30.75 15.34
CA PRO D 48 13.03 -29.43 14.99
C PRO D 48 11.58 -29.54 14.53
N VAL D 49 10.87 -28.42 14.64
CA VAL D 49 9.46 -28.34 14.27
C VAL D 49 9.26 -27.09 13.42
N LEU D 50 8.71 -27.27 12.22
CA LEU D 50 8.37 -26.13 11.37
C LEU D 50 7.22 -25.36 12.02
N VAL D 51 7.54 -24.18 12.54
CA VAL D 51 6.54 -23.39 13.26
C VAL D 51 5.69 -22.59 12.28
N ILE D 52 6.32 -21.93 11.32
CA ILE D 52 5.63 -21.09 10.35
C ILE D 52 6.24 -21.34 8.97
N SER D 53 5.38 -21.50 7.96
CA SER D 53 5.80 -21.65 6.59
C SER D 53 5.25 -20.51 5.75
N TYR D 54 5.98 -20.15 4.70
CA TYR D 54 5.59 -19.09 3.77
C TYR D 54 5.15 -17.83 4.51
N ASP D 55 6.09 -17.28 5.28
CA ASP D 55 5.94 -16.00 5.96
C ASP D 55 4.92 -16.04 7.10
N SER D 56 3.66 -16.36 6.80
CA SER D 56 2.58 -16.17 7.77
C SER D 56 1.64 -17.36 7.89
N ASP D 57 1.99 -18.53 7.36
CA ASP D 57 1.13 -19.71 7.50
C ASP D 57 1.52 -20.50 8.74
N ARG D 58 0.53 -20.80 9.57
CA ARG D 58 0.75 -21.57 10.79
C ARG D 58 0.29 -23.00 10.57
N PRO D 59 1.18 -23.96 10.35
CA PRO D 59 0.76 -25.37 10.23
C PRO D 59 0.03 -25.81 11.48
N SER D 60 -1.19 -26.33 11.29
CA SER D 60 -2.09 -26.57 12.40
C SER D 60 -1.46 -27.49 13.44
N GLY D 61 -1.95 -27.39 14.67
CA GLY D 61 -1.29 -27.99 15.80
C GLY D 61 -0.23 -27.14 16.45
N ILE D 62 -0.18 -25.85 16.14
CA ILE D 62 0.84 -24.94 16.66
C ILE D 62 0.12 -23.82 17.42
N PRO D 63 0.63 -23.36 18.57
CA PRO D 63 -0.05 -22.30 19.31
C PRO D 63 -0.30 -21.07 18.45
N GLU D 64 -1.47 -20.47 18.63
CA GLU D 64 -1.84 -19.27 17.88
C GLU D 64 -1.00 -18.06 18.26
N ARG D 65 -0.21 -18.16 19.33
CA ARG D 65 0.62 -17.02 19.74
C ARG D 65 1.75 -16.78 18.75
N PHE D 66 2.20 -17.82 18.05
CA PHE D 66 3.28 -17.68 17.08
C PHE D 66 2.76 -16.97 15.84
N SER D 67 3.17 -15.72 15.66
CA SER D 67 2.73 -14.90 14.54
C SER D 67 3.85 -14.76 13.52
N GLY D 68 3.46 -14.69 12.26
CA GLY D 68 4.41 -14.56 11.15
C GLY D 68 4.19 -13.27 10.39
N SER D 69 5.28 -12.66 9.95
CA SER D 69 5.21 -11.41 9.22
C SER D 69 6.41 -11.32 8.28
N ASN D 70 6.19 -10.67 7.14
CA ASN D 70 7.24 -10.45 6.15
C ASN D 70 6.98 -9.11 5.45
N SER D 71 7.02 -8.03 6.21
CA SER D 71 6.81 -6.69 5.70
C SER D 71 7.95 -5.79 6.12
N GLY D 72 8.10 -4.67 5.41
CA GLY D 72 9.18 -3.74 5.70
C GLY D 72 10.55 -4.28 5.40
N ASN D 73 10.65 -5.33 4.58
CA ASN D 73 11.93 -5.95 4.23
C ASN D 73 12.67 -6.42 5.48
N THR D 74 11.94 -6.99 6.42
CA THR D 74 12.54 -7.59 7.63
C THR D 74 11.49 -8.54 8.22
N ALA D 75 11.56 -9.80 7.81
CA ALA D 75 10.61 -10.80 8.29
C ALA D 75 10.84 -11.07 9.78
N THR D 76 9.75 -11.11 10.53
CA THR D 76 9.80 -11.31 11.97
C THR D 76 8.96 -12.52 12.39
N LEU D 77 9.32 -13.10 13.53
CA LEU D 77 8.55 -14.15 14.18
C LEU D 77 8.13 -13.63 15.54
N THR D 78 6.82 -13.61 15.79
CA THR D 78 6.27 -12.99 16.99
C THR D 78 5.58 -14.06 17.85
N ILE D 79 5.95 -14.10 19.12
CA ILE D 79 5.31 -14.96 20.12
C ILE D 79 4.62 -14.05 21.13
N SER D 80 3.29 -13.97 21.05
CA SER D 80 2.53 -13.04 21.88
C SER D 80 2.74 -13.30 23.36
N LYS D 81 2.27 -14.45 23.85
CA LYS D 81 2.49 -14.87 25.22
C LYS D 81 3.61 -15.91 25.25
N VAL D 82 4.65 -15.65 26.04
CA VAL D 82 5.82 -16.50 26.12
C VAL D 82 5.77 -17.29 27.42
N GLU D 83 6.01 -18.59 27.33
CA GLU D 83 6.07 -19.48 28.48
C GLU D 83 7.45 -20.11 28.58
N ALA D 84 7.67 -20.86 29.66
CA ALA D 84 8.95 -21.52 29.85
C ALA D 84 9.13 -22.70 28.90
N GLY D 85 8.04 -23.21 28.31
CA GLY D 85 8.12 -24.35 27.43
C GLY D 85 8.65 -24.02 26.05
N ASP D 86 8.06 -23.01 25.41
CA ASP D 86 8.45 -22.63 24.05
C ASP D 86 9.69 -21.72 24.08
N GLU D 87 10.76 -22.25 24.66
CA GLU D 87 12.03 -21.54 24.77
C GLU D 87 13.13 -22.44 24.23
N ALA D 88 13.61 -22.13 23.04
CA ALA D 88 14.67 -22.90 22.39
C ALA D 88 15.28 -22.05 21.28
N ASP D 89 16.16 -22.66 20.50
CA ASP D 89 16.79 -21.97 19.38
C ASP D 89 15.85 -21.96 18.18
N PHE D 90 15.77 -20.80 17.52
CA PHE D 90 14.88 -20.62 16.37
C PHE D 90 15.71 -20.24 15.15
N TYR D 91 15.45 -20.92 14.04
CA TYR D 91 16.09 -20.63 12.76
C TYR D 91 15.02 -20.34 11.72
N CYS D 92 15.37 -19.54 10.72
CA CYS D 92 14.53 -19.32 9.57
C CYS D 92 15.25 -19.77 8.31
N GLN D 93 14.48 -20.17 7.30
CA GLN D 93 15.02 -20.80 6.11
C GLN D 93 14.41 -20.17 4.86
N VAL D 94 15.23 -20.09 3.81
CA VAL D 94 14.82 -19.51 2.53
C VAL D 94 15.44 -20.32 1.41
N ARG D 95 14.63 -20.67 0.41
CA ARG D 95 15.12 -21.34 -0.78
C ARG D 95 15.85 -20.34 -1.68
N ASP D 96 17.05 -20.69 -2.13
CA ASP D 96 17.80 -19.85 -3.04
C ASP D 96 17.29 -20.06 -4.45
N SER D 97 16.70 -19.03 -5.04
CA SER D 97 16.11 -19.13 -6.37
C SER D 97 17.16 -19.11 -7.48
N ASP D 98 18.37 -18.62 -7.20
CA ASP D 98 19.39 -18.47 -8.22
C ASP D 98 20.25 -19.71 -8.39
N ASN D 99 20.31 -20.60 -7.38
CA ASN D 99 21.17 -21.77 -7.50
C ASN D 99 20.61 -23.02 -6.81
N ASP D 100 19.35 -23.01 -6.39
CA ASP D 100 18.69 -24.16 -5.75
C ASP D 100 19.47 -24.61 -4.51
N HIS D 101 19.35 -23.78 -3.46
CA HIS D 101 19.99 -24.06 -2.18
C HIS D 101 19.01 -23.76 -1.06
N VAL D 102 19.12 -24.54 0.01
CA VAL D 102 18.32 -24.34 1.22
C VAL D 102 19.14 -23.47 2.16
N VAL D 103 18.88 -22.16 2.14
CA VAL D 103 19.64 -21.21 2.93
C VAL D 103 18.99 -21.07 4.30
N PHE D 104 19.79 -21.20 5.36
CA PHE D 104 19.34 -21.04 6.73
C PHE D 104 19.91 -19.75 7.32
N GLY D 105 19.30 -19.32 8.42
CA GLY D 105 19.82 -18.18 9.15
C GLY D 105 20.91 -18.57 10.13
N GLY D 106 21.56 -17.54 10.67
CA GLY D 106 22.63 -17.77 11.62
C GLY D 106 22.20 -18.41 12.92
N GLY D 107 20.92 -18.32 13.25
CA GLY D 107 20.41 -18.87 14.48
C GLY D 107 20.05 -17.78 15.49
N THR D 108 19.06 -18.07 16.32
CA THR D 108 18.61 -17.13 17.35
C THR D 108 18.14 -17.93 18.55
N LYS D 109 18.71 -17.64 19.72
CA LYS D 109 18.36 -18.33 20.96
C LYS D 109 17.35 -17.50 21.73
N LEU D 110 16.18 -18.06 21.97
CA LEU D 110 15.13 -17.41 22.75
C LEU D 110 15.16 -17.96 24.17
N THR D 111 15.50 -17.11 25.13
CA THR D 111 15.61 -17.50 26.52
C THR D 111 14.52 -16.82 27.34
N VAL D 112 13.94 -17.58 28.27
CA VAL D 112 12.97 -17.04 29.21
C VAL D 112 13.69 -16.56 30.45
N LEU D 113 13.41 -15.33 30.87
CA LEU D 113 14.14 -14.71 31.96
C LEU D 113 13.66 -15.26 33.30
N GLY D 114 14.55 -15.98 33.99
CA GLY D 114 14.29 -16.40 35.36
C GLY D 114 15.03 -15.51 36.32
N GLN D 115 16.13 -14.92 35.84
CA GLN D 115 16.92 -13.97 36.59
C GLN D 115 17.06 -12.69 35.77
N PRO D 116 17.04 -11.52 36.41
CA PRO D 116 17.26 -10.27 35.66
C PRO D 116 18.62 -10.27 34.98
N LYS D 117 18.61 -10.01 33.67
CA LYS D 117 19.83 -10.02 32.88
C LYS D 117 20.80 -8.94 33.32
N ASN E 7 -8.97 -22.95 -19.47
CA ASN E 7 -8.73 -24.30 -19.96
C ASN E 7 -9.08 -25.34 -18.91
N THR E 8 -9.04 -26.61 -19.29
CA THR E 8 -9.32 -27.72 -18.40
C THR E 8 -8.38 -28.87 -18.71
N THR E 9 -8.34 -29.84 -17.80
CA THR E 9 -7.52 -31.04 -17.96
C THR E 9 -8.37 -32.12 -18.61
N ASP E 10 -8.07 -32.45 -19.86
CA ASP E 10 -8.85 -33.42 -20.61
C ASP E 10 -8.32 -34.84 -20.49
N ASN E 11 -7.00 -35.00 -20.39
CA ASN E 11 -6.36 -36.31 -20.32
C ASN E 11 -5.58 -36.42 -19.02
N ILE E 12 -5.82 -37.48 -18.25
CA ILE E 12 -5.16 -37.68 -16.97
C ILE E 12 -4.41 -39.01 -16.98
N ASP E 13 -3.82 -39.36 -18.12
CA ASP E 13 -3.09 -40.62 -18.24
C ASP E 13 -1.73 -40.60 -17.57
N TYR E 14 -1.36 -39.48 -16.92
CA TYR E 14 -0.04 -39.40 -16.29
C TYR E 14 0.04 -40.18 -14.99
N PHE E 15 -1.11 -40.56 -14.42
CA PHE E 15 -1.11 -41.34 -13.19
C PHE E 15 -0.65 -42.77 -13.48
N ASP E 16 0.40 -43.20 -12.78
CA ASP E 16 0.91 -44.56 -12.90
C ASP E 16 1.25 -45.09 -11.52
N ILE E 17 1.19 -46.41 -11.37
CA ILE E 17 1.42 -47.06 -10.09
C ILE E 17 2.53 -48.09 -10.25
N SER E 18 3.32 -48.26 -9.19
CA SER E 18 4.38 -49.25 -9.16
C SER E 18 4.08 -50.31 -8.10
N ASP E 19 4.67 -51.48 -8.29
CA ASP E 19 4.49 -52.58 -7.34
C ASP E 19 5.17 -52.24 -6.02
N GLU E 20 4.77 -52.98 -4.97
CA GLU E 20 5.43 -52.82 -3.68
C GLU E 20 6.92 -53.14 -3.76
N SER E 21 7.30 -54.02 -4.68
CA SER E 21 8.72 -54.31 -4.92
C SER E 21 9.39 -53.22 -5.76
N ASN E 22 8.62 -52.25 -6.27
CA ASN E 22 9.10 -51.12 -7.04
C ASN E 22 9.77 -51.53 -8.36
N TYR E 23 9.72 -52.82 -8.70
CA TYR E 23 10.32 -53.27 -9.95
C TYR E 23 9.35 -53.17 -11.12
N TYR E 24 8.07 -53.47 -10.90
CA TYR E 24 7.06 -53.44 -11.95
C TYR E 24 6.35 -52.09 -11.92
N LEU E 25 6.38 -51.39 -13.05
CA LEU E 25 5.71 -50.10 -13.21
C LEU E 25 4.64 -50.24 -14.27
N ILE E 26 3.39 -49.93 -13.90
CA ILE E 26 2.25 -50.02 -14.80
C ILE E 26 1.94 -48.63 -15.32
N SER E 27 1.88 -48.50 -16.65
CA SER E 27 1.61 -47.22 -17.30
C SER E 27 0.30 -47.32 -18.08
N GLN E 28 -0.44 -46.20 -18.11
CA GLN E 28 -1.69 -46.17 -18.85
C GLN E 28 -1.48 -46.14 -20.36
N LEU E 29 -0.30 -45.75 -20.82
CA LEU E 29 0.00 -45.76 -22.24
C LEU E 29 0.42 -47.17 -22.68
N ARG E 30 0.04 -47.53 -23.89
CA ARG E 30 0.42 -48.87 -24.36
C ARG E 30 1.75 -48.80 -25.10
N PRO E 31 2.66 -49.77 -24.90
CA PRO E 31 2.55 -50.92 -23.98
C PRO E 31 2.60 -50.51 -22.51
N HIS E 32 1.85 -51.21 -21.67
CA HIS E 32 1.70 -50.83 -20.27
C HIS E 32 2.86 -51.26 -19.40
N PHE E 33 3.75 -52.13 -19.89
CA PHE E 33 4.91 -52.58 -19.13
C PHE E 33 6.17 -52.41 -19.98
N SER E 34 7.27 -52.11 -19.30
CA SER E 34 8.53 -51.89 -20.01
C SER E 34 9.09 -53.19 -20.59
N ASN E 35 8.87 -54.31 -19.90
CA ASN E 35 9.42 -55.58 -20.36
C ASN E 35 8.71 -56.13 -21.58
N ILE E 36 7.59 -55.52 -22.01
CA ILE E 36 6.98 -55.90 -23.27
C ILE E 36 7.85 -55.47 -24.44
N TYR E 37 8.52 -54.31 -24.32
CA TYR E 37 9.52 -53.94 -25.30
C TYR E 37 10.67 -54.94 -25.32
N PHE E 38 11.03 -55.49 -24.15
CA PHE E 38 11.99 -56.58 -24.11
C PHE E 38 11.46 -57.80 -24.84
N PHE E 39 10.19 -58.14 -24.60
CA PHE E 39 9.58 -59.27 -25.30
C PHE E 39 9.53 -59.03 -26.80
N ASP E 40 9.29 -57.79 -27.21
CA ASP E 40 9.37 -57.45 -28.63
C ASP E 40 10.81 -57.52 -29.13
N GLU E 41 11.76 -57.02 -28.34
CA GLU E 41 13.17 -57.16 -28.70
C GLU E 41 13.66 -58.60 -28.53
N PHE E 42 12.97 -59.41 -27.74
CA PHE E 42 13.31 -60.82 -27.63
C PHE E 42 13.14 -61.56 -28.95
N LYS E 43 12.32 -61.01 -29.86
CA LYS E 43 12.20 -61.59 -31.20
C LYS E 43 13.40 -61.25 -32.06
N ARG E 44 14.06 -60.11 -31.80
CA ARG E 44 15.26 -59.76 -32.54
C ARG E 44 16.40 -60.73 -32.23
N TYR E 45 16.63 -60.99 -30.93
CA TYR E 45 17.66 -61.95 -30.55
C TYR E 45 17.29 -63.37 -30.92
N ALA E 46 15.99 -63.67 -31.07
CA ALA E 46 15.57 -65.01 -31.43
C ALA E 46 15.63 -65.23 -32.94
N SER E 47 15.08 -64.31 -33.72
CA SER E 47 15.05 -64.48 -35.17
C SER E 47 16.44 -64.39 -35.79
N TYR E 48 17.35 -63.64 -35.16
CA TYR E 48 18.70 -63.49 -35.71
C TYR E 48 19.46 -64.82 -35.66
N HIS E 49 19.58 -65.41 -34.48
CA HIS E 49 20.31 -66.67 -34.35
C HIS E 49 19.52 -67.84 -34.94
N THR E 50 18.34 -68.12 -34.37
CA THR E 50 17.51 -69.22 -34.84
C THR E 50 16.07 -69.06 -34.37
N VAL E 63 2.83 -63.50 -25.78
CA VAL E 63 3.20 -62.10 -25.66
C VAL E 63 2.00 -61.20 -25.92
N ASN E 64 1.33 -61.44 -27.05
CA ASN E 64 0.15 -60.64 -27.40
C ASN E 64 -1.01 -60.89 -26.45
N SER E 65 -1.06 -62.07 -25.83
CA SER E 65 -2.11 -62.34 -24.86
C SER E 65 -1.94 -61.51 -23.60
N LEU E 66 -0.71 -61.43 -23.09
CA LEU E 66 -0.45 -60.60 -21.91
C LEU E 66 -0.59 -59.12 -22.24
N LEU E 67 -0.27 -58.72 -23.47
CA LEU E 67 -0.45 -57.32 -23.86
C LEU E 67 -1.92 -56.97 -23.97
N ASN E 68 -2.72 -57.87 -24.55
CA ASN E 68 -4.15 -57.61 -24.70
C ASN E 68 -4.87 -57.70 -23.36
N GLU E 69 -4.44 -58.63 -22.50
CA GLU E 69 -5.05 -58.74 -21.18
C GLU E 69 -4.68 -57.57 -20.29
N ALA E 70 -3.49 -56.99 -20.48
CA ALA E 70 -3.12 -55.81 -19.71
C ALA E 70 -3.94 -54.59 -20.13
N SER E 71 -4.22 -54.46 -21.43
CA SER E 71 -5.06 -53.38 -21.91
C SER E 71 -6.49 -53.52 -21.40
N ARG E 72 -6.98 -54.76 -21.28
CA ARG E 72 -8.31 -54.97 -20.74
C ARG E 72 -8.38 -54.70 -19.25
N ALA E 73 -7.30 -55.02 -18.52
CA ALA E 73 -7.26 -54.72 -17.09
C ALA E 73 -7.26 -53.22 -16.83
N ILE E 74 -6.66 -52.43 -17.72
CA ILE E 74 -6.71 -50.99 -17.60
C ILE E 74 -8.05 -50.45 -18.07
N GLY E 75 -8.65 -51.08 -19.10
CA GLY E 75 -9.89 -50.56 -19.65
C GLY E 75 -11.08 -50.71 -18.72
N ILE E 76 -11.10 -51.77 -17.91
CA ILE E 76 -12.25 -51.99 -17.03
C ILE E 76 -12.27 -50.96 -15.91
N CYS E 77 -11.11 -50.42 -15.53
CA CYS E 77 -11.05 -49.41 -14.47
C CYS E 77 -11.10 -48.00 -15.01
N ASN E 78 -11.49 -47.80 -16.27
CA ASN E 78 -11.78 -46.45 -16.75
C ASN E 78 -13.06 -45.89 -16.15
N ARG E 79 -13.87 -46.72 -15.49
CA ARG E 79 -15.04 -46.20 -14.79
C ARG E 79 -14.63 -45.28 -13.64
N ALA E 80 -13.52 -45.61 -12.98
CA ALA E 80 -12.97 -44.76 -11.94
C ALA E 80 -12.07 -43.66 -12.48
N LYS E 81 -11.68 -43.75 -13.76
CA LYS E 81 -10.86 -42.70 -14.36
C LYS E 81 -11.66 -41.40 -14.53
N ASN E 82 -12.93 -41.52 -14.92
CA ASN E 82 -13.77 -40.33 -15.08
C ASN E 82 -14.14 -39.73 -13.73
N THR E 83 -14.33 -40.57 -12.71
CA THR E 83 -14.64 -40.04 -11.38
C THR E 83 -13.47 -39.23 -10.84
N VAL E 84 -12.24 -39.68 -11.07
CA VAL E 84 -11.07 -38.91 -10.68
C VAL E 84 -10.92 -37.69 -11.58
N LYS E 85 -11.11 -37.87 -12.89
CA LYS E 85 -11.04 -36.74 -13.81
C LYS E 85 -12.16 -35.74 -13.54
N GLY E 86 -13.31 -36.22 -13.06
CA GLY E 86 -14.39 -35.31 -12.72
C GLY E 86 -14.05 -34.43 -11.54
N LEU E 87 -13.33 -34.98 -10.55
CA LEU E 87 -12.91 -34.19 -9.40
C LEU E 87 -11.77 -33.26 -9.77
N ILE E 88 -10.92 -33.66 -10.71
CA ILE E 88 -9.84 -32.77 -11.16
C ILE E 88 -10.41 -31.55 -11.86
N ASN E 89 -11.45 -31.75 -12.67
CA ASN E 89 -12.05 -30.61 -13.38
C ASN E 89 -12.74 -29.65 -12.43
N ILE E 90 -13.37 -30.18 -11.37
CA ILE E 90 -14.08 -29.32 -10.42
C ILE E 90 -13.09 -28.48 -9.62
N LEU E 91 -11.97 -29.07 -9.21
CA LEU E 91 -11.02 -28.36 -8.37
C LEU E 91 -10.25 -27.30 -9.14
N GLU E 92 -10.01 -27.51 -10.44
CA GLU E 92 -9.26 -26.56 -11.23
C GLU E 92 -10.13 -25.50 -11.89
N ASN E 93 -11.45 -25.66 -11.87
CA ASN E 93 -12.35 -24.71 -12.50
C ASN E 93 -13.18 -23.99 -11.43
N PRO E 94 -12.91 -22.72 -11.16
CA PRO E 94 -13.73 -22.00 -10.17
C PRO E 94 -15.19 -21.90 -10.55
N GLN E 95 -15.50 -21.82 -11.85
CA GLN E 95 -16.90 -21.77 -12.28
C GLN E 95 -17.59 -23.10 -12.04
N LYS E 96 -16.92 -24.21 -12.34
CA LYS E 96 -17.50 -25.52 -12.09
C LYS E 96 -17.56 -25.84 -10.61
N PHE E 97 -16.66 -25.27 -9.81
CA PHE E 97 -16.70 -25.48 -8.37
C PHE E 97 -17.84 -24.71 -7.73
N LYS E 98 -18.24 -23.58 -8.32
CA LYS E 98 -19.33 -22.79 -7.76
C LYS E 98 -20.69 -23.46 -7.92
N THR E 99 -20.78 -24.52 -8.74
CA THR E 99 -22.07 -25.17 -8.95
C THR E 99 -22.44 -26.07 -7.78
N GLN E 100 -21.47 -26.74 -7.17
CA GLN E 100 -21.68 -27.55 -5.98
C GLN E 100 -20.99 -26.89 -4.80
N ARG E 101 -21.73 -26.72 -3.70
CA ARG E 101 -21.22 -25.98 -2.55
C ARG E 101 -20.86 -26.97 -1.45
N GLU E 102 -19.72 -27.62 -1.61
CA GLU E 102 -19.05 -28.35 -0.54
C GLU E 102 -17.71 -27.67 -0.29
N SER E 103 -17.22 -27.81 0.94
CA SER E 103 -15.94 -27.20 1.30
C SER E 103 -14.85 -27.66 0.37
N TYR E 104 -13.96 -26.73 -0.02
CA TYR E 104 -12.89 -27.07 -0.93
C TYR E 104 -11.97 -28.12 -0.33
N ASP E 105 -11.66 -28.01 0.97
CA ASP E 105 -10.82 -29.01 1.63
C ASP E 105 -11.51 -30.37 1.68
N VAL E 106 -12.84 -30.39 1.67
CA VAL E 106 -13.56 -31.67 1.60
C VAL E 106 -13.32 -32.34 0.27
N LYS E 107 -13.21 -31.56 -0.80
CA LYS E 107 -13.02 -32.14 -2.13
C LYS E 107 -11.61 -32.70 -2.31
N LEU E 108 -10.61 -32.10 -1.67
CA LEU E 108 -9.26 -32.67 -1.73
C LEU E 108 -9.21 -34.02 -1.03
N ARG E 109 -9.95 -34.17 0.07
CA ARG E 109 -10.01 -35.47 0.74
C ARG E 109 -10.70 -36.50 -0.14
N GLN E 110 -11.75 -36.09 -0.86
CA GLN E 110 -12.41 -37.01 -1.79
C GLN E 110 -11.52 -37.30 -2.99
N TYR E 111 -10.77 -36.29 -3.46
CA TYR E 111 -9.87 -36.50 -4.58
C TYR E 111 -8.73 -37.43 -4.21
N GLU E 112 -8.13 -37.24 -3.03
CA GLU E 112 -6.99 -38.05 -2.64
C GLU E 112 -7.39 -39.51 -2.44
N GLU E 113 -8.56 -39.75 -1.85
CA GLU E 113 -9.02 -41.12 -1.67
C GLU E 113 -9.50 -41.76 -2.97
N LYS E 114 -9.95 -40.95 -3.92
CA LYS E 114 -10.33 -41.48 -5.22
C LYS E 114 -9.13 -41.65 -6.13
N LYS E 115 -8.12 -40.79 -5.99
CA LYS E 115 -6.90 -40.94 -6.78
C LYS E 115 -6.19 -42.25 -6.45
N GLU E 116 -6.09 -42.59 -5.16
CA GLU E 116 -5.48 -43.85 -4.77
C GLU E 116 -6.37 -45.03 -5.15
N ALA E 117 -7.69 -44.83 -5.21
CA ALA E 117 -8.58 -45.89 -5.66
C ALA E 117 -8.33 -46.23 -7.13
N PHE E 118 -7.88 -45.26 -7.91
CA PHE E 118 -7.54 -45.51 -9.31
C PHE E 118 -6.13 -46.06 -9.44
N ARG E 119 -5.20 -45.59 -8.60
CA ARG E 119 -3.84 -46.10 -8.65
C ARG E 119 -3.75 -47.53 -8.14
N GLY E 120 -4.46 -47.84 -7.04
CA GLY E 120 -4.47 -49.21 -6.55
C GLY E 120 -5.22 -50.16 -7.46
N CYS E 121 -6.23 -49.65 -8.18
CA CYS E 121 -6.95 -50.48 -9.13
C CYS E 121 -6.08 -50.89 -10.31
N LEU E 122 -5.27 -49.95 -10.82
CA LEU E 122 -4.41 -50.25 -11.96
C LEU E 122 -3.39 -51.34 -11.62
N LEU E 123 -3.03 -51.45 -10.33
CA LEU E 123 -2.13 -52.51 -9.86
C LEU E 123 -2.90 -53.80 -9.57
N ASN E 124 -4.03 -53.71 -8.87
CA ASN E 124 -4.75 -54.91 -8.45
C ASN E 124 -5.28 -55.68 -9.65
N LYS E 125 -5.97 -54.99 -10.57
CA LYS E 125 -6.52 -55.65 -11.76
C LYS E 125 -5.43 -56.19 -12.68
N ASN E 126 -4.20 -55.69 -12.54
CA ASN E 126 -3.08 -56.14 -13.38
C ASN E 126 -2.14 -57.09 -12.65
N ARG E 127 -2.50 -57.53 -11.44
CA ARG E 127 -1.66 -58.49 -10.72
C ARG E 127 -1.67 -59.85 -11.40
N LYS E 128 -2.71 -60.17 -12.17
CA LYS E 128 -2.75 -61.43 -12.89
C LYS E 128 -1.70 -61.47 -14.00
N ASN E 129 -1.30 -60.31 -14.51
CA ASN E 129 -0.33 -60.24 -15.59
C ASN E 129 1.12 -60.10 -15.09
N LEU E 130 1.30 -59.69 -13.83
CA LEU E 130 2.66 -59.50 -13.31
C LEU E 130 3.37 -60.84 -13.17
N ASP E 131 2.71 -61.84 -12.59
CA ASP E 131 3.32 -63.16 -12.48
C ASP E 131 3.49 -63.82 -13.84
N GLN E 132 2.62 -63.51 -14.80
CA GLN E 132 2.80 -64.02 -16.15
C GLN E 132 4.02 -63.43 -16.83
N ILE E 133 4.44 -62.24 -16.41
CA ILE E 133 5.69 -61.66 -16.91
C ILE E 133 6.88 -62.44 -16.40
N LYS E 134 6.84 -62.85 -15.12
CA LYS E 134 7.93 -63.66 -14.58
C LYS E 134 8.01 -65.03 -15.25
N LYS E 135 6.87 -65.58 -15.67
CA LYS E 135 6.88 -66.84 -16.39
C LYS E 135 7.47 -66.67 -17.79
N ILE E 136 7.22 -65.53 -18.42
CA ILE E 136 7.78 -65.28 -19.75
C ILE E 136 9.28 -65.04 -19.66
N ASN E 137 9.76 -64.55 -18.52
CA ASN E 137 11.20 -64.36 -18.34
C ASN E 137 11.91 -65.69 -18.11
N ASN E 138 11.25 -66.64 -17.44
CA ASN E 138 11.84 -67.95 -17.23
C ASN E 138 11.87 -68.76 -18.52
N GLU E 139 10.89 -68.55 -19.41
CA GLU E 139 10.90 -69.24 -20.69
C GLU E 139 12.04 -68.74 -21.58
N ILE E 140 12.34 -67.44 -21.51
CA ILE E 140 13.46 -66.91 -22.27
C ILE E 140 14.78 -67.41 -21.71
N ARG E 141 14.85 -67.60 -20.39
CA ARG E 141 16.07 -68.16 -19.80
C ARG E 141 16.24 -69.63 -20.15
N ASP E 142 15.14 -70.36 -20.32
CA ASP E 142 15.23 -71.76 -20.72
C ASP E 142 15.57 -71.93 -22.20
N LEU E 143 15.18 -70.97 -23.03
CA LEU E 143 15.48 -71.03 -24.45
C LEU E 143 16.92 -70.68 -24.73
N GLU E 175 18.80 -34.71 -23.96
CA GLU E 175 19.53 -33.47 -23.83
C GLU E 175 18.58 -32.27 -23.85
N ASN E 176 17.76 -32.19 -24.89
CA ASN E 176 16.78 -31.11 -24.99
C ASN E 176 15.72 -31.23 -23.90
N TYR E 177 15.40 -32.45 -23.47
CA TYR E 177 14.45 -32.63 -22.38
C TYR E 177 15.02 -32.15 -21.05
N ASP E 178 16.35 -32.24 -20.88
CA ASP E 178 16.96 -31.78 -19.64
C ASP E 178 16.92 -30.26 -19.52
N THR E 179 17.11 -29.56 -20.64
CA THR E 179 17.02 -28.11 -20.62
C THR E 179 15.59 -27.65 -20.39
N PHE E 180 14.61 -28.39 -20.93
CA PHE E 180 13.20 -28.04 -20.74
C PHE E 180 12.81 -28.16 -19.27
N ILE E 181 13.16 -29.27 -18.63
CA ILE E 181 12.77 -29.48 -17.24
C ILE E 181 13.53 -28.56 -16.31
N LYS E 182 14.70 -28.08 -16.71
CA LYS E 182 15.44 -27.15 -15.86
C LYS E 182 14.75 -25.80 -15.77
N GLN E 183 14.36 -25.24 -16.92
CA GLN E 183 13.61 -23.99 -16.94
C GLN E 183 12.18 -24.17 -16.45
N TYR E 184 11.62 -25.38 -16.56
CA TYR E 184 10.25 -25.60 -16.07
C TYR E 184 10.21 -25.64 -14.56
N LYS E 185 11.25 -26.20 -13.93
CA LYS E 185 11.30 -26.24 -12.47
C LYS E 185 11.42 -24.83 -11.88
N ASN E 186 12.18 -23.96 -12.55
CA ASN E 186 12.39 -22.61 -12.01
C ASN E 186 11.12 -21.79 -12.08
N SER E 187 10.40 -21.85 -13.20
CA SER E 187 9.14 -21.11 -13.30
C SER E 187 8.06 -21.73 -12.43
N TYR E 188 8.15 -23.04 -12.16
CA TYR E 188 7.18 -23.68 -11.28
C TYR E 188 7.38 -23.24 -9.84
N LEU E 189 8.60 -23.38 -9.32
CA LEU E 189 8.89 -22.97 -7.95
C LEU E 189 8.64 -21.48 -7.76
N SER E 190 8.94 -20.66 -8.78
CA SER E 190 8.66 -19.24 -8.69
C SER E 190 7.15 -18.98 -8.63
N GLY E 191 6.37 -19.73 -9.40
CA GLY E 191 4.92 -19.61 -9.31
C GLY E 191 4.36 -20.18 -8.03
N VAL E 192 5.08 -21.12 -7.41
CA VAL E 192 4.63 -21.67 -6.14
C VAL E 192 4.74 -20.62 -5.03
N ASP E 193 5.89 -19.95 -4.95
CA ASP E 193 6.10 -18.96 -3.90
C ASP E 193 5.31 -17.68 -4.18
N MET E 194 5.05 -17.37 -5.45
CA MET E 194 4.40 -16.11 -5.78
C MET E 194 2.91 -16.13 -5.41
N ILE E 195 2.27 -17.29 -5.47
CA ILE E 195 0.84 -17.34 -5.20
C ILE E 195 0.56 -17.30 -3.70
N ARG E 196 1.49 -17.79 -2.87
CA ARG E 196 1.28 -17.72 -1.42
C ARG E 196 1.35 -16.28 -0.93
N LYS E 197 2.21 -15.46 -1.54
CA LYS E 197 2.29 -14.05 -1.15
C LYS E 197 1.07 -13.28 -1.64
N ILE E 198 0.61 -13.57 -2.86
CA ILE E 198 -0.61 -12.94 -3.36
C ILE E 198 -1.82 -13.39 -2.54
N GLU E 199 -1.77 -14.62 -2.00
CA GLU E 199 -2.89 -15.13 -1.21
C GLU E 199 -3.18 -14.24 -0.01
N LYS E 200 -2.15 -13.65 0.58
CA LYS E 200 -2.32 -12.76 1.73
C LYS E 200 -2.84 -11.39 1.35
N GLN E 201 -3.01 -11.10 0.05
CA GLN E 201 -3.45 -9.79 -0.41
C GLN E 201 -4.75 -9.81 -1.19
N ILE E 202 -5.14 -10.94 -1.77
CA ILE E 202 -6.34 -11.06 -2.58
C ILE E 202 -7.34 -11.93 -1.83
N ASP E 203 -8.59 -11.48 -1.79
CA ASP E 203 -9.66 -12.21 -1.10
C ASP E 203 -10.51 -12.99 -2.10
N ASN E 204 -9.87 -13.96 -2.75
CA ASN E 204 -10.52 -14.84 -3.71
C ASN E 204 -10.04 -16.27 -3.46
N PRO E 205 -10.65 -16.96 -2.50
CA PRO E 205 -10.11 -18.28 -2.12
C PRO E 205 -10.27 -19.34 -3.19
N VAL E 206 -11.40 -19.38 -3.89
CA VAL E 206 -11.65 -20.44 -4.86
C VAL E 206 -10.65 -20.39 -6.01
N THR E 207 -10.38 -19.19 -6.51
CA THR E 207 -9.43 -19.06 -7.62
C THR E 207 -8.01 -19.34 -7.15
N ILE E 208 -7.66 -18.91 -5.94
CA ILE E 208 -6.31 -19.14 -5.43
C ILE E 208 -6.09 -20.63 -5.14
N ASN E 209 -7.07 -21.28 -4.51
CA ASN E 209 -6.94 -22.71 -4.24
C ASN E 209 -6.89 -23.52 -5.53
N ALA E 210 -7.55 -23.05 -6.59
CA ALA E 210 -7.47 -23.74 -7.87
C ALA E 210 -6.06 -23.71 -8.44
N ILE E 211 -5.35 -22.60 -8.23
CA ILE E 211 -3.96 -22.52 -8.69
C ILE E 211 -3.08 -23.42 -7.83
N LYS E 212 -3.32 -23.45 -6.52
CA LYS E 212 -2.50 -24.26 -5.63
C LYS E 212 -2.70 -25.75 -5.88
N PHE E 213 -3.93 -26.17 -6.18
CA PHE E 213 -4.18 -27.57 -6.48
C PHE E 213 -3.52 -27.99 -7.79
N THR E 214 -3.50 -27.09 -8.78
CA THR E 214 -2.85 -27.40 -10.04
C THR E 214 -1.35 -27.58 -9.85
N GLN E 215 -0.74 -26.76 -8.99
CA GLN E 215 0.68 -26.93 -8.70
C GLN E 215 0.96 -28.23 -7.98
N LYS E 216 -0.01 -28.74 -7.21
CA LYS E 216 0.13 -30.07 -6.63
C LYS E 216 0.12 -31.13 -7.71
N GLU E 217 -0.68 -30.94 -8.76
CA GLU E 217 -0.66 -31.86 -9.89
C GLU E 217 0.63 -31.75 -10.67
N MET E 218 1.13 -30.53 -10.86
CA MET E 218 2.35 -30.33 -11.63
C MET E 218 3.55 -30.98 -10.95
N GLY E 219 3.63 -30.88 -9.63
CA GLY E 219 4.75 -31.49 -8.91
C GLY E 219 4.84 -32.99 -9.11
N TYR E 220 3.69 -33.66 -9.20
CA TYR E 220 3.71 -35.10 -9.48
C TYR E 220 4.20 -35.39 -10.88
N ILE E 221 3.70 -34.64 -11.87
CA ILE E 221 4.14 -34.84 -13.25
C ILE E 221 5.61 -34.51 -13.41
N ILE E 222 6.11 -33.54 -12.65
CA ILE E 222 7.53 -33.20 -12.72
C ILE E 222 8.38 -34.37 -12.22
N ASP E 223 7.99 -34.96 -11.08
CA ASP E 223 8.75 -36.07 -10.53
C ASP E 223 8.74 -37.27 -11.46
N ARG E 224 7.59 -37.57 -12.06
CA ARG E 224 7.52 -38.65 -13.03
C ARG E 224 8.32 -38.33 -14.29
N PHE E 225 8.37 -37.05 -14.68
CA PHE E 225 9.22 -36.65 -15.80
C PHE E 225 10.69 -36.80 -15.44
N GLU E 226 11.08 -36.34 -14.24
CA GLU E 226 12.45 -36.50 -13.79
C GLU E 226 12.82 -37.97 -13.66
N TYR E 227 11.86 -38.81 -13.27
CA TYR E 227 12.13 -40.24 -13.09
C TYR E 227 12.45 -40.90 -14.44
N HIS E 228 11.61 -40.66 -15.44
CA HIS E 228 11.83 -41.28 -16.74
C HIS E 228 13.02 -40.67 -17.47
N LEU E 229 13.30 -39.38 -17.24
CA LEU E 229 14.46 -38.75 -17.86
C LEU E 229 15.76 -39.32 -17.30
N GLN E 230 15.78 -39.63 -16.00
CA GLN E 230 16.96 -40.23 -15.41
C GLN E 230 17.15 -41.67 -15.87
N LYS E 231 16.06 -42.33 -16.26
CA LYS E 231 16.16 -43.72 -16.74
C LYS E 231 16.64 -43.78 -18.18
N VAL E 232 16.23 -42.81 -19.01
CA VAL E 232 16.69 -42.78 -20.39
C VAL E 232 18.17 -42.46 -20.46
N LYS E 233 18.62 -41.49 -19.65
CA LYS E 233 20.04 -41.19 -19.59
C LYS E 233 20.83 -42.32 -18.93
N HIS E 234 20.17 -43.09 -18.06
CA HIS E 234 20.82 -44.24 -17.45
C HIS E 234 21.10 -45.33 -18.47
N SER E 235 20.09 -45.69 -19.26
CA SER E 235 20.26 -46.76 -20.24
C SER E 235 21.19 -46.34 -21.38
N ILE E 236 21.08 -45.11 -21.84
CA ILE E 236 21.90 -44.66 -22.96
C ILE E 236 23.38 -44.60 -22.57
N ASP E 237 23.66 -44.25 -21.31
CA ASP E 237 25.06 -44.13 -20.87
C ASP E 237 25.68 -45.48 -20.55
N GLN E 238 24.88 -46.44 -20.05
CA GLN E 238 25.43 -47.74 -19.69
C GLN E 238 25.57 -48.67 -20.90
N VAL E 239 24.68 -48.55 -21.88
CA VAL E 239 24.87 -49.29 -23.13
C VAL E 239 26.08 -48.74 -23.87
N THR E 240 26.27 -47.42 -23.84
CA THR E 240 27.48 -46.83 -24.39
C THR E 240 28.71 -47.24 -23.58
N ALA E 241 28.53 -47.54 -22.29
CA ALA E 241 29.65 -47.97 -21.46
C ALA E 241 30.25 -49.27 -21.97
N LEU E 242 29.46 -50.10 -22.65
CA LEU E 242 30.02 -51.28 -23.31
C LEU E 242 30.91 -50.87 -24.47
N SER E 243 30.48 -49.90 -25.27
CA SER E 243 31.26 -49.35 -26.38
C SER E 243 31.73 -50.44 -27.35
N TYR E 259 24.29 -61.17 -20.69
CA TYR E 259 24.63 -60.11 -21.63
C TYR E 259 23.42 -59.71 -22.48
N TYR E 260 22.60 -60.70 -22.82
CA TYR E 260 21.42 -60.42 -23.64
C TYR E 260 20.33 -59.75 -22.80
N PHE E 261 20.13 -60.20 -21.57
CA PHE E 261 19.13 -59.60 -20.70
C PHE E 261 19.52 -58.19 -20.28
N ASN E 262 20.81 -57.93 -20.08
CA ASN E 262 21.25 -56.60 -19.68
C ASN E 262 21.05 -55.60 -20.81
N ILE E 263 21.39 -55.97 -22.04
CA ILE E 263 21.22 -55.06 -23.17
C ILE E 263 19.75 -54.97 -23.57
N GLY E 264 19.00 -56.06 -23.43
CA GLY E 264 17.59 -56.01 -23.77
C GLY E 264 16.74 -55.23 -22.79
N ASN E 265 17.10 -55.29 -21.51
CA ASN E 265 16.35 -54.55 -20.50
C ASN E 265 16.62 -53.05 -20.62
N TYR E 266 17.87 -52.68 -20.87
CA TYR E 266 18.20 -51.26 -20.98
C TYR E 266 17.52 -50.60 -22.17
N TYR E 267 17.47 -51.29 -23.31
CA TYR E 267 16.81 -50.74 -24.48
C TYR E 267 15.30 -50.62 -24.26
N SER E 268 14.71 -51.55 -23.51
CA SER E 268 13.28 -51.46 -23.22
C SER E 268 12.97 -50.24 -22.37
N ILE E 269 13.85 -49.92 -21.40
CA ILE E 269 13.65 -48.73 -20.58
C ILE E 269 13.83 -47.47 -21.43
N PHE E 270 14.71 -47.52 -22.43
CA PHE E 270 14.92 -46.37 -23.29
C PHE E 270 13.66 -46.02 -24.07
N LYS E 271 13.03 -47.02 -24.69
CA LYS E 271 11.83 -46.77 -25.46
C LYS E 271 10.61 -46.54 -24.57
N PHE E 272 10.57 -47.17 -23.39
CA PHE E 272 9.44 -46.98 -22.48
C PHE E 272 9.43 -45.56 -21.93
N GLY E 273 10.60 -45.00 -21.66
CA GLY E 273 10.69 -43.63 -21.18
C GLY E 273 10.43 -42.61 -22.27
N LYS E 274 10.98 -42.87 -23.47
CA LYS E 274 10.79 -41.96 -24.59
C LYS E 274 9.32 -41.85 -24.99
N ASP E 275 8.57 -42.94 -24.86
CA ASP E 275 7.14 -42.89 -25.16
C ASP E 275 6.38 -42.11 -24.10
N SER E 276 6.87 -42.12 -22.86
CA SER E 276 6.24 -41.38 -21.78
C SER E 276 6.77 -39.96 -21.63
N LEU E 277 8.04 -39.73 -21.97
CA LEU E 277 8.60 -38.39 -21.90
C LEU E 277 7.93 -37.45 -22.89
N ASN E 278 7.60 -37.96 -24.08
CA ASN E 278 6.87 -37.15 -25.05
C ASN E 278 5.49 -36.76 -24.53
N MET E 279 4.81 -37.70 -23.88
CA MET E 279 3.47 -37.43 -23.37
C MET E 279 3.51 -36.58 -22.10
N LEU E 280 4.44 -36.88 -21.19
CA LEU E 280 4.59 -36.06 -19.99
C LEU E 280 5.01 -34.64 -20.33
N ASN E 281 5.70 -34.46 -21.46
CA ASN E 281 6.00 -33.11 -21.94
C ASN E 281 4.73 -32.37 -22.28
N LYS E 282 3.76 -33.06 -22.91
CA LYS E 282 2.50 -32.42 -23.24
C LYS E 282 1.65 -32.18 -21.99
N ALA E 283 1.73 -33.05 -21.00
CA ALA E 283 0.96 -32.87 -19.77
C ALA E 283 1.47 -31.67 -18.97
N LEU E 284 2.79 -31.50 -18.91
CA LEU E 284 3.36 -30.37 -18.18
C LEU E 284 3.03 -29.05 -18.88
N ILE E 285 3.05 -29.05 -20.21
CA ILE E 285 2.71 -27.83 -20.96
C ILE E 285 1.24 -27.48 -20.76
N HIS E 286 0.36 -28.48 -20.80
CA HIS E 286 -1.06 -28.21 -20.63
C HIS E 286 -1.38 -27.74 -19.22
N LYS E 287 -0.73 -28.33 -18.21
CA LYS E 287 -0.92 -27.87 -16.84
C LYS E 287 -0.38 -26.46 -16.67
N GLU E 288 0.71 -26.12 -17.36
CA GLU E 288 1.25 -24.78 -17.30
C GLU E 288 0.32 -23.76 -17.94
N LYS E 289 -0.39 -24.16 -19.00
CA LYS E 289 -1.31 -23.25 -19.66
C LYS E 289 -2.53 -22.95 -18.80
N ILE E 290 -2.93 -23.91 -17.96
CA ILE E 290 -4.09 -23.70 -17.10
C ILE E 290 -3.77 -22.74 -15.96
N VAL E 291 -2.53 -22.78 -15.45
CA VAL E 291 -2.16 -21.88 -14.36
C VAL E 291 -2.16 -20.43 -14.84
N HIS E 292 -1.62 -20.18 -16.04
CA HIS E 292 -1.62 -18.83 -16.56
C HIS E 292 -3.03 -18.34 -16.87
N ASN E 293 -3.95 -19.26 -17.22
CA ASN E 293 -5.34 -18.86 -17.43
C ASN E 293 -6.02 -18.51 -16.12
N LEU E 294 -5.73 -19.27 -15.06
CA LEU E 294 -6.28 -18.96 -13.74
C LEU E 294 -5.67 -17.70 -13.15
N LEU E 295 -4.50 -17.28 -13.64
CA LEU E 295 -3.86 -16.08 -13.11
C LEU E 295 -4.55 -14.83 -13.65
N GLY E 296 -4.89 -14.82 -14.93
CA GLY E 296 -5.56 -13.66 -15.51
C GLY E 296 -6.95 -13.44 -14.96
N GLU E 297 -7.66 -14.52 -14.62
CA GLU E 297 -8.99 -14.43 -14.05
C GLU E 297 -8.97 -14.28 -12.53
N LEU E 298 -7.79 -14.20 -11.92
CA LEU E 298 -7.71 -14.03 -10.47
C LEU E 298 -8.16 -12.64 -10.05
N PHE E 299 -8.07 -11.65 -10.93
CA PHE E 299 -8.49 -10.29 -10.63
C PHE E 299 -9.87 -10.01 -11.20
N VAL F 7 3.34 -39.45 12.36
CA VAL F 7 4.38 -39.05 11.43
C VAL F 7 5.74 -39.16 12.11
N GLN F 8 6.17 -40.39 12.37
CA GLN F 8 7.45 -40.63 13.02
C GLN F 8 8.59 -40.61 12.00
N LEU F 9 9.81 -40.63 12.51
CA LEU F 9 11.00 -40.56 11.66
C LEU F 9 12.20 -40.95 12.51
N LEU F 10 12.89 -42.01 12.12
CA LEU F 10 14.05 -42.52 12.81
C LEU F 10 15.23 -42.58 11.84
N GLU F 11 16.43 -42.72 12.40
CA GLU F 11 17.66 -42.75 11.62
C GLU F 11 18.54 -43.88 12.15
N SER F 12 19.69 -44.07 11.49
CA SER F 12 20.65 -45.10 11.88
C SER F 12 22.00 -44.74 11.26
N GLY F 13 23.00 -45.57 11.54
CA GLY F 13 24.33 -45.34 11.02
C GLY F 13 25.19 -44.39 11.83
N GLY F 14 24.84 -44.17 13.10
CA GLY F 14 25.62 -43.26 13.91
C GLY F 14 26.95 -43.86 14.34
N GLY F 15 27.94 -43.00 14.47
CA GLY F 15 29.26 -43.44 14.89
C GLY F 15 30.31 -42.43 14.47
N LEU F 16 31.56 -42.79 14.76
CA LEU F 16 32.70 -41.96 14.44
C LEU F 16 33.67 -42.75 13.55
N VAL F 17 34.43 -42.01 12.73
CA VAL F 17 35.40 -42.59 11.82
C VAL F 17 36.57 -41.62 11.67
N GLN F 18 37.72 -42.17 11.28
CA GLN F 18 38.90 -41.37 11.07
C GLN F 18 38.76 -40.52 9.81
N PRO F 19 39.46 -39.40 9.74
CA PRO F 19 39.44 -38.59 8.51
C PRO F 19 39.99 -39.35 7.33
N GLY F 20 39.23 -39.37 6.24
CA GLY F 20 39.56 -40.17 5.08
C GLY F 20 38.80 -41.48 4.99
N GLY F 21 38.00 -41.83 6.00
CA GLY F 21 37.22 -43.04 6.00
C GLY F 21 35.76 -42.78 5.67
N SER F 22 35.14 -43.76 5.01
CA SER F 22 33.76 -43.61 4.57
C SER F 22 32.78 -43.89 5.70
N LEU F 23 31.56 -43.41 5.51
CA LEU F 23 30.49 -43.62 6.48
C LEU F 23 29.15 -43.45 5.77
N ARG F 24 28.21 -44.33 6.07
CA ARG F 24 26.88 -44.30 5.47
C ARG F 24 25.82 -44.20 6.56
N LEU F 25 24.83 -43.33 6.33
CA LEU F 25 23.75 -43.10 7.27
C LEU F 25 22.44 -43.53 6.62
N SER F 26 21.71 -44.41 7.28
CA SER F 26 20.43 -44.89 6.81
C SER F 26 19.30 -44.27 7.62
N CYS F 27 18.23 -43.88 6.94
CA CYS F 27 17.09 -43.20 7.56
C CYS F 27 15.81 -43.89 7.17
N ALA F 28 15.06 -44.36 8.17
CA ALA F 28 13.76 -44.99 7.94
C ALA F 28 12.65 -43.95 8.06
N VAL F 29 11.41 -44.37 7.82
CA VAL F 29 10.26 -43.49 7.86
C VAL F 29 9.06 -44.24 8.41
N SER F 30 8.06 -43.48 8.83
CA SER F 30 6.83 -44.03 9.38
C SER F 30 5.75 -42.95 9.37
N GLY F 31 4.51 -43.39 9.17
CA GLY F 31 3.38 -42.48 9.12
C GLY F 31 3.10 -41.88 7.76
N PHE F 32 3.94 -42.13 6.76
CA PHE F 32 3.75 -41.60 5.42
C PHE F 32 4.49 -42.48 4.43
N THR F 33 3.89 -42.68 3.25
CA THR F 33 4.49 -43.54 2.26
C THR F 33 5.81 -42.95 1.77
N PHE F 34 6.85 -43.79 1.71
CA PHE F 34 8.19 -43.32 1.40
C PHE F 34 8.31 -42.86 -0.05
N ARG F 35 7.64 -43.54 -0.97
CA ARG F 35 7.80 -43.29 -2.39
C ARG F 35 7.10 -42.02 -2.88
N ASN F 36 6.40 -41.30 -1.99
CA ASN F 36 5.65 -40.12 -2.38
C ASN F 36 6.27 -38.81 -1.91
N TYR F 37 6.86 -38.78 -0.73
CA TYR F 37 7.38 -37.55 -0.15
C TYR F 37 8.88 -37.46 -0.40
N ALA F 38 9.33 -36.29 -0.85
CA ALA F 38 10.75 -36.03 -1.02
C ALA F 38 11.37 -35.76 0.35
N LEU F 39 12.59 -36.29 0.55
CA LEU F 39 13.27 -36.17 1.82
C LEU F 39 14.53 -35.32 1.66
N SER F 40 15.06 -34.85 2.79
CA SER F 40 16.22 -33.97 2.79
C SER F 40 17.16 -34.34 3.93
N TRP F 41 18.40 -33.88 3.82
CA TRP F 41 19.42 -34.07 4.84
C TRP F 41 19.86 -32.72 5.37
N VAL F 42 19.82 -32.56 6.69
CA VAL F 42 20.26 -31.34 7.36
C VAL F 42 21.24 -31.72 8.46
N ARG F 43 22.35 -31.01 8.54
CA ARG F 43 23.36 -31.23 9.55
C ARG F 43 23.43 -30.04 10.51
N GLN F 44 23.95 -30.30 11.70
CA GLN F 44 24.13 -29.26 12.72
C GLN F 44 25.52 -29.42 13.33
N ALA F 45 26.42 -28.51 12.96
CA ALA F 45 27.72 -28.47 13.62
C ALA F 45 27.55 -28.05 15.07
N PRO F 46 28.45 -28.49 15.96
CA PRO F 46 28.30 -28.15 17.38
C PRO F 46 28.34 -26.65 17.63
N GLY F 47 27.16 -26.07 17.89
CA GLY F 47 27.06 -24.65 18.13
C GLY F 47 27.26 -23.80 16.89
N LYS F 48 26.70 -24.22 15.75
CA LYS F 48 26.87 -23.46 14.52
C LYS F 48 25.61 -23.46 13.65
N GLY F 49 24.45 -23.75 14.23
CA GLY F 49 23.21 -23.71 13.48
C GLY F 49 23.02 -24.93 12.59
N LEU F 50 22.01 -24.82 11.73
CA LEU F 50 21.66 -25.88 10.80
C LEU F 50 22.23 -25.60 9.42
N ASP F 51 22.67 -26.66 8.75
CA ASP F 51 23.18 -26.57 7.39
C ASP F 51 22.54 -27.69 6.57
N TRP F 52 21.97 -27.32 5.42
CA TRP F 52 21.31 -28.28 4.55
C TRP F 52 22.34 -29.03 3.73
N VAL F 53 22.46 -30.34 3.96
CA VAL F 53 23.43 -31.15 3.23
C VAL F 53 22.97 -31.35 1.80
N SER F 54 21.82 -31.98 1.61
CA SER F 54 21.32 -32.27 0.27
C SER F 54 19.87 -32.74 0.39
N THR F 55 19.15 -32.65 -0.73
CA THR F 55 17.74 -33.01 -0.78
C THR F 55 17.46 -33.80 -2.05
N ILE F 56 16.71 -34.88 -1.92
CA ILE F 56 16.37 -35.75 -3.04
C ILE F 56 14.87 -35.77 -3.23
N SER F 57 14.44 -36.16 -4.44
CA SER F 57 13.03 -36.21 -4.79
C SER F 57 12.41 -37.51 -4.32
N ALA F 58 11.14 -37.71 -4.68
CA ALA F 58 10.44 -38.92 -4.26
C ALA F 58 10.88 -40.13 -5.08
N SER F 59 10.95 -39.97 -6.40
CA SER F 59 11.42 -41.04 -7.27
C SER F 59 12.94 -41.07 -7.42
N GLY F 60 13.62 -40.00 -7.05
CA GLY F 60 15.06 -39.92 -7.21
C GLY F 60 15.52 -39.39 -8.56
N GLY F 61 14.65 -38.68 -9.29
CA GLY F 61 15.01 -38.16 -10.59
C GLY F 61 16.03 -37.05 -10.54
N ALA F 62 15.68 -35.94 -9.89
CA ALA F 62 16.56 -34.79 -9.75
C ALA F 62 17.26 -34.82 -8.40
N THR F 63 18.52 -34.43 -8.39
CA THR F 63 19.32 -34.38 -7.18
C THR F 63 19.86 -32.98 -6.97
N TYR F 64 19.98 -32.59 -5.69
CA TYR F 64 20.46 -31.27 -5.32
C TYR F 64 21.41 -31.41 -4.15
N TYR F 65 22.66 -31.01 -4.35
CA TYR F 65 23.69 -31.08 -3.31
C TYR F 65 24.14 -29.68 -2.94
N ALA F 66 24.51 -29.50 -1.68
CA ALA F 66 25.07 -28.24 -1.24
C ALA F 66 26.43 -28.00 -1.88
N ASP F 67 26.76 -26.72 -2.08
CA ASP F 67 28.01 -26.39 -2.76
C ASP F 67 29.22 -26.78 -1.94
N SER F 68 29.11 -26.72 -0.61
CA SER F 68 30.21 -27.11 0.26
C SER F 68 30.34 -28.63 0.39
N VAL F 69 29.26 -29.38 0.13
CA VAL F 69 29.28 -30.83 0.26
C VAL F 69 29.33 -31.52 -1.11
N LYS F 70 29.28 -30.76 -2.20
CA LYS F 70 29.30 -31.35 -3.53
C LYS F 70 30.62 -32.06 -3.78
N GLY F 71 30.54 -33.27 -4.33
CA GLY F 71 31.72 -34.07 -4.60
C GLY F 71 32.22 -34.92 -3.46
N HIS F 72 31.60 -34.82 -2.28
CA HIS F 72 32.02 -35.58 -1.12
C HIS F 72 30.93 -36.48 -0.56
N PHE F 73 29.65 -36.15 -0.74
CA PHE F 73 28.54 -36.95 -0.26
C PHE F 73 27.58 -37.23 -1.41
N THR F 74 26.62 -38.12 -1.16
CA THR F 74 25.70 -38.56 -2.20
C THR F 74 24.44 -39.10 -1.54
N ILE F 75 23.27 -38.74 -2.11
CA ILE F 75 21.99 -39.28 -1.68
C ILE F 75 21.67 -40.50 -2.53
N SER F 76 20.87 -41.39 -1.95
CA SER F 76 20.28 -42.51 -2.68
C SER F 76 19.10 -43.00 -1.87
N ARG F 77 18.08 -43.49 -2.57
CA ARG F 77 16.89 -44.00 -1.90
C ARG F 77 16.36 -45.21 -2.66
N ASP F 78 15.87 -46.19 -1.91
CA ASP F 78 15.27 -47.40 -2.47
C ASP F 78 13.81 -47.41 -2.05
N ASN F 79 12.92 -47.05 -2.97
CA ASN F 79 11.50 -47.00 -2.67
C ASN F 79 10.94 -48.38 -2.32
N SER F 80 11.59 -49.45 -2.75
CA SER F 80 11.19 -50.79 -2.33
C SER F 80 11.60 -51.05 -0.89
N LYS F 81 12.81 -50.65 -0.51
CA LYS F 81 13.28 -50.81 0.86
C LYS F 81 12.74 -49.74 1.80
N ASN F 82 12.30 -48.59 1.25
CA ASN F 82 11.72 -47.50 2.03
C ASN F 82 12.69 -46.97 3.08
N ILE F 83 13.96 -46.86 2.69
CA ILE F 83 15.00 -46.30 3.54
C ILE F 83 15.76 -45.25 2.75
N LEU F 84 16.06 -44.12 3.39
CA LEU F 84 16.75 -43.01 2.75
C LEU F 84 18.21 -43.00 3.20
N TYR F 85 19.12 -42.80 2.24
CA TYR F 85 20.54 -43.02 2.46
C TYR F 85 21.33 -41.74 2.21
N LEU F 86 22.44 -41.62 2.94
CA LEU F 86 23.46 -40.60 2.71
C LEU F 86 24.82 -41.25 2.86
N ASP F 87 25.66 -41.12 1.83
CA ASP F 87 26.96 -41.78 1.80
C ASP F 87 28.05 -40.71 1.85
N MET F 88 28.75 -40.62 2.98
CA MET F 88 29.87 -39.71 3.15
C MET F 88 31.16 -40.49 2.90
N LYS F 89 31.97 -40.01 1.96
CA LYS F 89 33.17 -40.73 1.55
C LYS F 89 34.39 -40.26 2.31
N SER F 90 34.96 -39.11 1.91
CA SER F 90 36.16 -38.60 2.56
C SER F 90 35.91 -38.31 4.04
N LEU F 91 34.77 -37.68 4.35
CA LEU F 91 34.37 -37.39 5.72
C LEU F 91 35.47 -36.65 6.48
N ARG F 92 36.00 -35.61 5.85
CA ARG F 92 37.04 -34.81 6.47
C ARG F 92 36.52 -34.15 7.74
N ALA F 93 37.44 -33.89 8.67
CA ALA F 93 37.06 -33.28 9.94
C ALA F 93 36.56 -31.85 9.77
N GLU F 94 36.67 -31.27 8.58
CA GLU F 94 36.13 -29.93 8.34
C GLU F 94 34.62 -29.92 8.53
N ASP F 95 33.94 -31.00 8.15
CA ASP F 95 32.52 -31.17 8.40
C ASP F 95 32.35 -32.20 9.50
N THR F 96 31.84 -31.77 10.66
CA THR F 96 31.62 -32.63 11.81
C THR F 96 30.34 -32.15 12.47
N ALA F 97 29.24 -32.88 12.27
CA ALA F 97 27.92 -32.38 12.65
C ALA F 97 27.01 -33.54 13.00
N ILE F 98 25.88 -33.20 13.59
CA ILE F 98 24.79 -34.16 13.83
C ILE F 98 23.81 -34.05 12.67
N TYR F 99 23.59 -35.17 11.98
CA TYR F 99 22.83 -35.18 10.74
C TYR F 99 21.36 -35.49 11.03
N TYR F 100 20.48 -34.63 10.52
CA TYR F 100 19.04 -34.77 10.72
C TYR F 100 18.38 -35.22 9.42
N CYS F 101 17.43 -36.14 9.54
CA CYS F 101 16.66 -36.66 8.41
C CYS F 101 15.26 -36.05 8.46
N ALA F 102 14.92 -35.28 7.44
CA ALA F 102 13.63 -34.60 7.39
C ALA F 102 13.03 -34.74 6.00
N ARG F 103 11.70 -34.66 5.94
CA ARG F 103 10.97 -34.79 4.69
C ARG F 103 10.51 -33.43 4.20
N ASP F 104 10.34 -33.32 2.88
CA ASP F 104 9.82 -32.10 2.28
C ASP F 104 8.29 -32.09 2.36
N GLY F 105 7.73 -30.91 2.60
CA GLY F 105 6.30 -30.78 2.78
C GLY F 105 5.50 -30.49 1.53
N GLY F 106 6.15 -30.30 0.39
CA GLY F 106 5.47 -29.99 -0.85
C GLY F 106 4.91 -31.22 -1.53
N SER F 107 4.88 -31.17 -2.87
CA SER F 107 4.40 -32.30 -3.66
C SER F 107 5.48 -33.36 -3.79
N TYR F 108 5.43 -34.14 -4.87
CA TYR F 108 6.47 -35.14 -5.12
C TYR F 108 7.79 -34.49 -5.49
N THR F 109 7.77 -33.26 -6.00
CA THR F 109 8.95 -32.44 -6.23
C THR F 109 9.20 -31.57 -5.01
N PRO F 110 10.44 -31.47 -4.54
CA PRO F 110 10.70 -30.74 -3.28
C PRO F 110 10.41 -29.26 -3.42
N TYR F 111 9.62 -28.73 -2.47
CA TYR F 111 9.38 -27.30 -2.36
C TYR F 111 10.47 -26.58 -1.59
N PHE F 112 11.54 -27.28 -1.19
CA PHE F 112 12.63 -26.70 -0.40
C PHE F 112 12.13 -26.18 0.94
N PHE F 113 11.23 -26.94 1.57
CA PHE F 113 10.77 -26.64 2.93
C PHE F 113 10.35 -27.95 3.57
N LEU F 114 10.69 -28.10 4.86
CA LEU F 114 10.55 -29.38 5.56
C LEU F 114 9.54 -29.25 6.68
N ASP F 115 8.48 -30.06 6.64
CA ASP F 115 7.41 -29.99 7.62
C ASP F 115 7.63 -30.91 8.81
N SER F 116 8.29 -32.06 8.63
CA SER F 116 8.55 -32.99 9.71
C SER F 116 10.04 -33.31 9.75
N TRP F 117 10.55 -33.51 10.97
CA TRP F 117 11.96 -33.71 11.21
C TRP F 117 12.20 -35.00 11.98
N GLY F 118 13.47 -35.41 12.03
CA GLY F 118 13.90 -36.57 12.77
C GLY F 118 14.72 -36.17 14.00
N GLN F 119 15.12 -37.20 14.75
CA GLN F 119 15.82 -36.97 16.00
C GLN F 119 17.27 -36.55 15.80
N GLY F 120 17.92 -37.03 14.76
CA GLY F 120 19.29 -36.69 14.49
C GLY F 120 20.23 -37.87 14.71
N ALA F 121 21.39 -37.80 14.06
CA ALA F 121 22.41 -38.85 14.14
C ALA F 121 23.76 -38.21 14.39
N LEU F 122 24.44 -38.67 15.45
CA LEU F 122 25.74 -38.13 15.81
C LEU F 122 26.82 -38.74 14.92
N VAL F 123 27.56 -37.89 14.22
CA VAL F 123 28.64 -38.31 13.34
C VAL F 123 29.83 -37.40 13.61
N THR F 124 30.90 -37.96 14.16
CA THR F 124 32.10 -37.22 14.51
C THR F 124 33.28 -37.70 13.68
N VAL F 125 34.15 -36.78 13.30
CA VAL F 125 35.34 -37.11 12.52
C VAL F 125 36.53 -36.31 13.02
#